data_4PL8
#
_entry.id   4PL8
#
_cell.length_a   93.640
_cell.length_b   93.640
_cell.length_c   206.274
_cell.angle_alpha   90.000
_cell.angle_beta   90.000
_cell.angle_gamma   90.000
#
_symmetry.space_group_name_H-M   'P 43 21 2'
#
loop_
_entity.id
_entity.type
_entity.pdbx_description
1 polymer 'Actin, alpha skeletal muscle'
2 polymer 'Thymosin beta-4,Protein cordon-bleu,Thymosin beta-4'
3 non-polymer "ADENOSINE-5'-TRIPHOSPHATE"
4 non-polymer 'CALCIUM ION'
5 water water
#
loop_
_entity_poly.entity_id
_entity_poly.type
_entity_poly.pdbx_seq_one_letter_code
_entity_poly.pdbx_strand_id
1 'polypeptide(L)'
;DEDETTALVCDNGSGLVKAGFAGDDAPRAVFPSIVGRPRHQGVMVGMGQKDSYVGDEAQSKRGILTLKYPIE(HIC)GII
TNWDDMEKIWHHTFYNELRVAPEEHPTLLTEAPLNPKANREKMTQIMFETFNVPAMYVAIQAVLSLYASGRTTGIVLDSG
DGVTHNVPIYEGYALPHAIMRLDLAGRDLTDYLMKILTERGYSFVTTAEREIVRDIKEKLCYVALDFENEMATAASSSSL
EKSYELPDGQVITIGNERFRCPETLFQPSFIGMESAGIHETTYNSIMKCDIDIRKDLYANNVMSGGTTMYPGIADRMQKE
ITALAPSTMKIKIIAPPERKYSVWIGGSILASLSTFQQMWITKQEYDEAGPSIVHRKCF
;
A,B
2 'polypeptide(L)' GPSDKPDMAEIEKFDKSKFKPVVQRPVPKDSDKPDMAEIEKFDKSKLKKTETQEKNPLPSKETIEQEKQAGES H
#
loop_
_chem_comp.id
_chem_comp.type
_chem_comp.name
_chem_comp.formula
ATP non-polymer ADENOSINE-5'-TRIPHOSPHATE 'C10 H16 N5 O13 P3'
CA non-polymer 'CALCIUM ION' 'Ca 2'
#
# COMPACT_ATOMS: atom_id res chain seq x y z
N THR A 5 -2.00 -27.99 -12.94
CA THR A 5 -0.94 -27.10 -12.49
C THR A 5 -1.22 -25.63 -12.87
N THR A 6 -1.96 -25.47 -13.96
CA THR A 6 -2.26 -24.18 -14.57
C THR A 6 -2.85 -23.15 -13.59
N ALA A 7 -2.37 -21.90 -13.66
CA ALA A 7 -2.85 -20.86 -12.78
C ALA A 7 -4.32 -20.54 -13.09
N LEU A 8 -5.08 -20.26 -12.04
CA LEU A 8 -6.47 -19.83 -12.18
C LEU A 8 -6.58 -18.31 -12.14
N VAL A 9 -7.59 -17.79 -12.83
CA VAL A 9 -7.93 -16.37 -12.79
C VAL A 9 -9.37 -16.25 -12.40
N CYS A 10 -9.63 -15.58 -11.28
CA CYS A 10 -10.99 -15.40 -10.80
C CYS A 10 -11.27 -13.91 -10.63
N ASP A 11 -12.18 -13.39 -11.44
CA ASP A 11 -12.51 -11.96 -11.44
C ASP A 11 -13.87 -11.80 -10.78
N ASN A 12 -13.90 -11.40 -9.53
CA ASN A 12 -15.16 -11.31 -8.79
C ASN A 12 -15.80 -9.94 -8.89
N GLY A 13 -16.98 -9.87 -9.49
CA GLY A 13 -17.68 -8.60 -9.62
C GLY A 13 -18.96 -8.53 -8.81
N SER A 14 -19.58 -7.35 -8.78
CA SER A 14 -20.82 -7.14 -8.01
C SER A 14 -21.95 -7.99 -8.54
N GLY A 15 -21.97 -8.20 -9.85
CA GLY A 15 -23.06 -8.95 -10.46
C GLY A 15 -22.62 -10.32 -10.97
N LEU A 16 -21.40 -10.41 -11.51
CA LEU A 16 -20.95 -11.64 -12.13
C LEU A 16 -19.55 -12.06 -11.70
N VAL A 17 -19.36 -13.36 -11.53
CA VAL A 17 -18.05 -13.96 -11.37
C VAL A 17 -17.54 -14.42 -12.74
N LYS A 18 -16.31 -14.07 -13.09
CA LYS A 18 -15.69 -14.59 -14.31
C LYS A 18 -14.51 -15.44 -13.85
N ALA A 19 -14.46 -16.71 -14.27
CA ALA A 19 -13.41 -17.60 -13.77
C ALA A 19 -12.88 -18.51 -14.86
N GLY A 20 -11.60 -18.83 -14.78
CA GLY A 20 -10.99 -19.67 -15.79
C GLY A 20 -9.51 -19.92 -15.52
N PHE A 21 -8.81 -20.24 -16.61
CA PHE A 21 -7.42 -20.64 -16.57
C PHE A 21 -6.53 -19.63 -17.27
N ALA A 22 -5.43 -19.27 -16.61
CA ALA A 22 -4.46 -18.36 -17.19
C ALA A 22 -3.96 -18.89 -18.54
N GLY A 23 -3.84 -18.02 -19.53
CA GLY A 23 -3.45 -18.47 -20.85
C GLY A 23 -4.61 -18.65 -21.82
N ASP A 24 -5.83 -18.77 -21.28
CA ASP A 24 -7.03 -18.83 -22.12
C ASP A 24 -7.42 -17.42 -22.57
N ASP A 25 -8.11 -17.32 -23.70
CA ASP A 25 -8.52 -16.02 -24.21
C ASP A 25 -9.89 -15.57 -23.65
N ALA A 26 -10.51 -16.40 -22.82
CA ALA A 26 -11.81 -16.07 -22.22
C ALA A 26 -12.05 -16.91 -20.95
N PRO A 27 -12.91 -16.43 -20.04
CA PRO A 27 -13.26 -17.23 -18.87
C PRO A 27 -14.05 -18.49 -19.23
N ARG A 28 -13.83 -19.58 -18.51
CA ARG A 28 -14.54 -20.84 -18.77
C ARG A 28 -15.97 -20.74 -18.27
N ALA A 29 -16.12 -19.99 -17.19
CA ALA A 29 -17.37 -19.90 -16.47
C ALA A 29 -17.73 -18.46 -16.11
N VAL A 30 -18.97 -18.08 -16.38
CA VAL A 30 -19.46 -16.77 -15.98
C VAL A 30 -20.79 -17.01 -15.31
N PHE A 31 -20.96 -16.54 -14.07
CA PHE A 31 -22.21 -16.83 -13.35
C PHE A 31 -22.47 -15.74 -12.31
N PRO A 32 -23.74 -15.60 -11.88
CA PRO A 32 -24.14 -14.53 -10.96
C PRO A 32 -23.51 -14.65 -9.58
N SER A 33 -23.03 -13.52 -9.09
CA SER A 33 -22.38 -13.44 -7.80
C SER A 33 -23.43 -13.37 -6.70
N ILE A 34 -24.19 -14.45 -6.56
CA ILE A 34 -25.30 -14.50 -5.63
C ILE A 34 -25.25 -15.77 -4.79
N VAL A 35 -25.66 -15.64 -3.53
CA VAL A 35 -25.82 -16.78 -2.67
C VAL A 35 -27.26 -16.77 -2.18
N GLY A 36 -27.92 -17.92 -2.30
CA GLY A 36 -29.29 -18.06 -1.86
C GLY A 36 -29.47 -19.04 -0.73
N ARG A 37 -30.33 -18.66 0.21
CA ARG A 37 -30.73 -19.53 1.33
C ARG A 37 -32.25 -19.58 1.44
N PRO A 38 -32.79 -20.71 1.95
CA PRO A 38 -34.23 -20.84 2.16
C PRO A 38 -34.78 -19.79 3.12
N SER A 52 -27.58 -24.05 1.22
CA SER A 52 -27.24 -22.87 0.43
C SER A 52 -27.01 -23.20 -1.06
N TYR A 53 -27.32 -22.23 -1.91
CA TYR A 53 -27.14 -22.35 -3.36
C TYR A 53 -26.38 -21.15 -3.95
N VAL A 54 -25.56 -21.40 -4.96
CA VAL A 54 -24.71 -20.35 -5.53
C VAL A 54 -24.92 -20.17 -7.02
N GLY A 55 -24.94 -18.92 -7.48
CA GLY A 55 -24.89 -18.62 -8.89
C GLY A 55 -26.17 -18.96 -9.65
N ASP A 56 -25.98 -19.68 -10.76
CA ASP A 56 -27.08 -20.10 -11.61
C ASP A 56 -28.11 -20.94 -10.85
N GLU A 57 -27.64 -21.84 -9.98
CA GLU A 57 -28.57 -22.75 -9.30
C GLU A 57 -29.34 -22.04 -8.19
N ALA A 58 -28.96 -20.79 -7.91
CA ALA A 58 -29.66 -20.01 -6.89
C ALA A 58 -30.70 -19.12 -7.53
N GLN A 59 -30.42 -18.62 -8.73
CA GLN A 59 -31.40 -17.76 -9.38
C GLN A 59 -32.49 -18.62 -10.04
N SER A 60 -32.21 -19.90 -10.24
CA SER A 60 -33.24 -20.78 -10.80
C SER A 60 -34.10 -21.36 -9.68
N LYS A 61 -33.72 -21.09 -8.45
CA LYS A 61 -34.47 -21.55 -7.29
C LYS A 61 -34.89 -20.39 -6.39
N ARG A 62 -34.94 -19.18 -6.93
CA ARG A 62 -35.12 -17.99 -6.09
C ARG A 62 -36.50 -17.91 -5.43
N GLY A 63 -37.37 -18.86 -5.75
CA GLY A 63 -38.67 -18.96 -5.09
C GLY A 63 -38.54 -19.42 -3.65
N ILE A 64 -37.87 -20.56 -3.46
CA ILE A 64 -37.63 -21.10 -2.12
C ILE A 64 -36.44 -20.45 -1.42
N LEU A 65 -35.83 -19.43 -2.03
CA LEU A 65 -34.59 -18.88 -1.49
C LEU A 65 -34.60 -17.36 -1.26
N THR A 66 -33.91 -16.95 -0.20
CA THR A 66 -33.49 -15.56 0.03
C THR A 66 -32.15 -15.28 -0.68
N LEU A 67 -32.14 -14.34 -1.62
CA LEU A 67 -30.90 -14.05 -2.36
C LEU A 67 -30.04 -12.92 -1.74
N LYS A 68 -28.73 -13.12 -1.72
CA LYS A 68 -27.75 -12.12 -1.23
C LYS A 68 -26.58 -11.95 -2.18
N TYR A 69 -26.12 -10.71 -2.32
CA TYR A 69 -24.94 -10.34 -3.12
C TYR A 69 -23.77 -9.99 -2.21
N PRO A 70 -22.76 -10.87 -2.12
CA PRO A 70 -21.65 -10.67 -1.18
C PRO A 70 -20.70 -9.54 -1.59
N ILE A 71 -20.78 -9.10 -2.83
CA ILE A 71 -19.99 -7.96 -3.28
C ILE A 71 -20.89 -6.78 -3.61
N GLU A 72 -20.70 -5.66 -2.94
CA GLU A 72 -21.49 -4.46 -3.20
C GLU A 72 -20.59 -3.34 -3.72
N HIC A 73 -20.91 -2.81 -4.89
CA HIC A 73 -20.12 -1.73 -5.49
C HIC A 73 -18.67 -2.14 -5.60
O HIC A 73 -17.79 -1.29 -5.36
CB HIC A 73 -20.24 -0.44 -4.67
CG HIC A 73 -21.68 0.00 -4.56
ND1 HIC A 73 -22.52 0.21 -5.58
CD2 HIC A 73 -22.40 0.26 -3.38
CE1 HIC A 73 -23.71 0.60 -5.09
NE2 HIC A 73 -23.63 0.62 -3.76
CZ HIC A 73 -24.74 1.00 -2.84
N GLY A 74 -18.41 -3.41 -5.93
CA GLY A 74 -17.06 -3.87 -6.17
C GLY A 74 -16.31 -4.34 -4.94
N ILE A 75 -16.89 -4.10 -3.76
CA ILE A 75 -16.27 -4.43 -2.46
C ILE A 75 -16.91 -5.65 -1.80
N ILE A 76 -16.08 -6.59 -1.34
CA ILE A 76 -16.63 -7.74 -0.61
C ILE A 76 -17.16 -7.30 0.76
N THR A 77 -18.43 -7.58 1.04
CA THR A 77 -19.04 -7.18 2.30
C THR A 77 -19.58 -8.35 3.14
N ASN A 78 -19.67 -9.52 2.54
CA ASN A 78 -20.13 -10.70 3.27
C ASN A 78 -19.15 -11.82 3.03
N TRP A 79 -18.29 -12.09 4.02
CA TRP A 79 -17.19 -13.03 3.83
C TRP A 79 -17.63 -14.47 3.84
N ASP A 80 -18.67 -14.78 4.61
CA ASP A 80 -19.25 -16.12 4.63
C ASP A 80 -19.77 -16.53 3.25
N ASP A 81 -20.53 -15.64 2.63
CA ASP A 81 -21.07 -15.92 1.31
C ASP A 81 -19.99 -15.87 0.22
N MET A 82 -18.99 -15.02 0.40
CA MET A 82 -17.89 -14.96 -0.56
C MET A 82 -17.13 -16.28 -0.61
N GLU A 83 -16.93 -16.92 0.54
CA GLU A 83 -16.28 -18.24 0.56
C GLU A 83 -17.12 -19.28 -0.20
N LYS A 84 -18.44 -19.18 -0.08
CA LYS A 84 -19.33 -20.05 -0.83
C LYS A 84 -19.19 -19.82 -2.33
N ILE A 85 -19.05 -18.56 -2.74
CA ILE A 85 -18.81 -18.27 -4.15
C ILE A 85 -17.50 -18.87 -4.63
N TRP A 86 -16.44 -18.68 -3.85
CA TRP A 86 -15.14 -19.21 -4.24
C TRP A 86 -15.16 -20.74 -4.24
N HIS A 87 -15.86 -21.31 -3.27
CA HIS A 87 -16.01 -22.77 -3.22
C HIS A 87 -16.70 -23.27 -4.49
N HIS A 88 -17.81 -22.62 -4.85
CA HIS A 88 -18.55 -22.95 -6.06
C HIS A 88 -17.70 -22.80 -7.32
N THR A 89 -16.85 -21.77 -7.33
CA THR A 89 -15.99 -21.51 -8.49
C THR A 89 -14.97 -22.64 -8.70
N PHE A 90 -14.23 -22.96 -7.64
CA PHE A 90 -13.19 -24.00 -7.70
C PHE A 90 -13.76 -25.38 -8.04
N TYR A 91 -14.71 -25.81 -7.22
CA TYR A 91 -15.19 -27.20 -7.26
C TYR A 91 -16.29 -27.46 -8.30
N ASN A 92 -17.36 -26.66 -8.28
CA ASN A 92 -18.49 -26.87 -9.17
C ASN A 92 -18.26 -26.36 -10.59
N GLU A 93 -17.67 -25.17 -10.71
CA GLU A 93 -17.51 -24.56 -12.02
C GLU A 93 -16.23 -24.97 -12.73
N LEU A 94 -15.09 -24.82 -12.08
CA LEU A 94 -13.83 -25.14 -12.74
C LEU A 94 -13.42 -26.60 -12.54
N ARG A 95 -13.94 -27.24 -11.49
CA ARG A 95 -13.66 -28.66 -11.22
C ARG A 95 -12.17 -28.92 -10.96
N VAL A 96 -11.57 -28.13 -10.08
CA VAL A 96 -10.16 -28.25 -9.75
C VAL A 96 -9.99 -28.45 -8.25
N ALA A 97 -8.82 -28.94 -7.84
CA ALA A 97 -8.44 -28.90 -6.43
C ALA A 97 -7.57 -27.69 -6.23
N PRO A 98 -8.06 -26.73 -5.43
CA PRO A 98 -7.41 -25.43 -5.22
C PRO A 98 -5.94 -25.56 -4.85
N GLU A 99 -5.62 -26.59 -4.07
CA GLU A 99 -4.24 -26.79 -3.61
C GLU A 99 -3.23 -27.06 -4.73
N GLU A 100 -3.73 -27.32 -5.94
CA GLU A 100 -2.86 -27.54 -7.11
C GLU A 100 -2.67 -26.33 -8.02
N HIS A 101 -3.36 -25.23 -7.73
CA HIS A 101 -3.35 -24.10 -8.66
C HIS A 101 -3.05 -22.76 -8.01
N PRO A 102 -1.97 -22.09 -8.45
CA PRO A 102 -1.80 -20.69 -8.12
C PRO A 102 -3.04 -19.93 -8.57
N THR A 103 -3.55 -19.05 -7.73
CA THR A 103 -4.81 -18.38 -8.03
C THR A 103 -4.66 -16.87 -8.04
N LEU A 104 -4.98 -16.26 -9.17
CA LEU A 104 -5.00 -14.80 -9.27
C LEU A 104 -6.42 -14.30 -9.04
N LEU A 105 -6.57 -13.39 -8.09
CA LEU A 105 -7.85 -12.78 -7.80
C LEU A 105 -7.80 -11.32 -8.22
N THR A 106 -8.98 -10.70 -8.37
CA THR A 106 -9.03 -9.29 -8.71
C THR A 106 -9.70 -8.51 -7.60
N GLU A 107 -9.45 -7.21 -7.56
CA GLU A 107 -10.08 -6.36 -6.56
C GLU A 107 -10.38 -4.97 -7.12
N ALA A 108 -11.28 -4.26 -6.46
CA ALA A 108 -11.60 -2.89 -6.84
C ALA A 108 -10.45 -1.96 -6.50
N PRO A 109 -10.33 -0.84 -7.24
CA PRO A 109 -9.44 0.25 -6.86
C PRO A 109 -9.78 0.72 -5.44
N LEU A 110 -8.78 1.07 -4.63
CA LEU A 110 -9.01 1.58 -3.28
C LEU A 110 -9.68 0.58 -2.33
N ASN A 111 -9.55 -0.71 -2.62
CA ASN A 111 -10.00 -1.77 -1.71
C ASN A 111 -9.32 -1.64 -0.35
N PRO A 112 -10.11 -1.59 0.75
CA PRO A 112 -9.51 -1.44 2.09
C PRO A 112 -8.48 -2.54 2.39
N LYS A 113 -7.42 -2.16 3.09
CA LYS A 113 -6.31 -3.08 3.36
C LYS A 113 -6.75 -4.34 4.09
N ALA A 114 -7.68 -4.21 5.04
CA ALA A 114 -8.18 -5.36 5.79
C ALA A 114 -8.84 -6.38 4.85
N ASN A 115 -9.47 -5.91 3.78
CA ASN A 115 -10.12 -6.78 2.82
C ASN A 115 -9.13 -7.61 2.03
N ARG A 116 -8.02 -6.98 1.64
CA ARG A 116 -6.98 -7.69 0.92
C ARG A 116 -6.33 -8.73 1.82
N GLU A 117 -6.12 -8.40 3.08
CA GLU A 117 -5.59 -9.39 4.02
C GLU A 117 -6.56 -10.53 4.25
N LYS A 118 -7.85 -10.22 4.41
CA LYS A 118 -8.87 -11.26 4.61
C LYS A 118 -8.94 -12.21 3.39
N MET A 119 -8.87 -11.64 2.20
CA MET A 119 -8.88 -12.43 0.97
C MET A 119 -7.69 -13.40 0.94
N THR A 120 -6.54 -12.92 1.38
CA THR A 120 -5.34 -13.73 1.40
C THR A 120 -5.44 -14.85 2.42
N GLN A 121 -5.95 -14.52 3.60
CA GLN A 121 -6.14 -15.50 4.67
C GLN A 121 -7.07 -16.64 4.23
N ILE A 122 -8.19 -16.29 3.60
CA ILE A 122 -9.13 -17.29 3.14
C ILE A 122 -8.51 -18.18 2.06
N MET A 123 -7.84 -17.58 1.09
CA MET A 123 -7.23 -18.37 0.03
C MET A 123 -6.21 -19.39 0.55
N PHE A 124 -5.36 -18.96 1.48
CA PHE A 124 -4.31 -19.88 1.95
C PHE A 124 -4.79 -20.86 3.03
N GLU A 125 -5.67 -20.40 3.93
CA GLU A 125 -6.08 -21.21 5.07
C GLU A 125 -7.34 -22.01 4.81
N THR A 126 -8.25 -21.48 4.00
CA THR A 126 -9.49 -22.19 3.72
C THR A 126 -9.32 -23.06 2.48
N PHE A 127 -8.75 -22.50 1.42
CA PHE A 127 -8.66 -23.27 0.17
C PHE A 127 -7.26 -23.84 -0.09
N ASN A 128 -6.29 -23.48 0.74
CA ASN A 128 -4.96 -24.07 0.68
C ASN A 128 -4.28 -23.92 -0.69
N VAL A 129 -4.50 -22.81 -1.36
CA VAL A 129 -3.83 -22.58 -2.64
C VAL A 129 -2.32 -22.55 -2.42
N PRO A 130 -1.54 -22.97 -3.43
CA PRO A 130 -0.08 -22.94 -3.26
C PRO A 130 0.51 -21.54 -3.42
N ALA A 131 -0.25 -20.66 -4.03
CA ALA A 131 0.23 -19.31 -4.33
C ALA A 131 -0.94 -18.46 -4.75
N MET A 132 -0.84 -17.16 -4.53
CA MET A 132 -1.93 -16.29 -4.89
C MET A 132 -1.42 -14.91 -5.25
N TYR A 133 -2.28 -14.12 -5.88
CA TYR A 133 -1.96 -12.75 -6.19
C TYR A 133 -3.26 -11.98 -6.29
N VAL A 134 -3.23 -10.70 -5.92
CA VAL A 134 -4.41 -9.85 -6.07
C VAL A 134 -4.06 -8.65 -6.93
N ALA A 135 -4.83 -8.45 -8.01
CA ALA A 135 -4.59 -7.35 -8.94
C ALA A 135 -5.77 -6.43 -8.99
N ILE A 136 -5.53 -5.15 -9.25
CA ILE A 136 -6.61 -4.18 -9.40
C ILE A 136 -7.29 -4.38 -10.75
N GLN A 137 -8.61 -4.49 -10.74
CA GLN A 137 -9.38 -4.81 -11.94
C GLN A 137 -9.08 -3.90 -13.15
N ALA A 138 -9.13 -2.58 -12.93
CA ALA A 138 -8.89 -1.64 -14.03
C ALA A 138 -7.49 -1.76 -14.63
N VAL A 139 -6.51 -2.06 -13.77
CA VAL A 139 -5.15 -2.23 -14.25
C VAL A 139 -5.08 -3.43 -15.21
N LEU A 140 -5.75 -4.52 -14.84
CA LEU A 140 -5.82 -5.68 -15.71
C LEU A 140 -6.46 -5.33 -17.06
N SER A 141 -7.53 -4.54 -17.04
CA SER A 141 -8.15 -4.10 -18.29
C SER A 141 -7.19 -3.33 -19.18
N LEU A 142 -6.42 -2.44 -18.57
CA LEU A 142 -5.42 -1.69 -19.32
C LEU A 142 -4.42 -2.65 -19.95
N TYR A 143 -3.92 -3.60 -19.15
CA TYR A 143 -2.99 -4.61 -19.65
C TYR A 143 -3.55 -5.38 -20.83
N ALA A 144 -4.82 -5.73 -20.76
CA ALA A 144 -5.44 -6.48 -21.85
C ALA A 144 -5.44 -5.69 -23.17
N SER A 145 -5.38 -4.35 -23.09
CA SER A 145 -5.39 -3.53 -24.31
C SER A 145 -3.95 -3.31 -24.82
N GLY A 146 -2.98 -3.94 -24.17
CA GLY A 146 -1.58 -3.80 -24.56
C GLY A 146 -0.89 -2.54 -24.05
N ARG A 147 -1.43 -1.94 -22.98
CA ARG A 147 -0.91 -0.69 -22.43
C ARG A 147 -0.55 -0.85 -20.97
N THR A 148 0.35 0.00 -20.49
CA THR A 148 0.67 0.04 -19.06
C THR A 148 0.47 1.45 -18.49
N THR A 149 0.13 2.38 -19.38
CA THR A 149 -0.24 3.75 -19.03
C THR A 149 -1.48 4.18 -19.78
N GLY A 150 -2.43 4.79 -19.08
CA GLY A 150 -3.65 5.27 -19.70
C GLY A 150 -4.69 5.48 -18.62
N ILE A 151 -5.92 5.83 -19.01
CA ILE A 151 -6.96 5.99 -18.00
C ILE A 151 -8.14 5.08 -18.34
N VAL A 152 -8.54 4.27 -17.36
CA VAL A 152 -9.57 3.28 -17.60
C VAL A 152 -10.91 3.78 -17.09
N LEU A 153 -11.94 3.64 -17.92
CA LEU A 153 -13.32 3.78 -17.48
C LEU A 153 -13.87 2.37 -17.32
N ASP A 154 -14.09 1.94 -16.09
CA ASP A 154 -14.56 0.58 -15.80
C ASP A 154 -15.97 0.68 -15.25
N SER A 155 -16.95 0.12 -15.95
CA SER A 155 -18.34 0.21 -15.52
C SER A 155 -19.00 -1.16 -15.63
N GLY A 156 -19.46 -1.69 -14.50
CA GLY A 156 -19.98 -3.04 -14.46
C GLY A 156 -21.45 -3.08 -14.08
N ASP A 157 -21.78 -3.89 -13.07
CA ASP A 157 -23.14 -4.06 -12.59
C ASP A 157 -23.42 -3.18 -11.37
N GLY A 158 -22.38 -2.92 -10.57
CA GLY A 158 -22.57 -2.23 -9.31
C GLY A 158 -21.81 -0.92 -9.14
N VAL A 159 -20.71 -0.77 -9.86
CA VAL A 159 -19.90 0.43 -9.67
C VAL A 159 -19.21 0.84 -10.96
N THR A 160 -18.93 2.14 -11.06
CA THR A 160 -18.17 2.70 -12.17
C THR A 160 -16.95 3.41 -11.60
N HIS A 161 -15.77 3.17 -12.19
CA HIS A 161 -14.56 3.86 -11.78
C HIS A 161 -13.86 4.56 -12.95
N ASN A 162 -13.20 5.67 -12.67
CA ASN A 162 -12.19 6.24 -13.56
C ASN A 162 -10.86 5.98 -12.88
N VAL A 163 -9.95 5.30 -13.58
CA VAL A 163 -8.70 4.88 -12.97
C VAL A 163 -7.50 5.26 -13.84
N PRO A 164 -6.81 6.36 -13.49
CA PRO A 164 -5.59 6.67 -14.25
C PRO A 164 -4.41 5.85 -13.74
N ILE A 165 -3.60 5.37 -14.67
CA ILE A 165 -2.59 4.38 -14.40
C ILE A 165 -1.28 4.78 -15.07
N TYR A 166 -0.20 4.75 -14.31
CA TYR A 166 1.11 5.03 -14.85
C TYR A 166 2.04 3.83 -14.65
N GLU A 167 2.48 3.23 -15.75
CA GLU A 167 3.33 2.04 -15.72
C GLU A 167 2.82 0.99 -14.73
N GLY A 168 1.54 0.67 -14.82
CA GLY A 168 0.93 -0.37 -14.02
C GLY A 168 0.49 0.06 -12.62
N TYR A 169 0.78 1.31 -12.25
CA TYR A 169 0.42 1.84 -10.93
C TYR A 169 -0.82 2.73 -11.01
N ALA A 170 -1.91 2.30 -10.36
CA ALA A 170 -3.12 3.12 -10.29
C ALA A 170 -2.89 4.32 -9.37
N LEU A 171 -3.10 5.53 -9.87
CA LEU A 171 -2.80 6.75 -9.13
C LEU A 171 -3.91 7.07 -8.15
N PRO A 172 -3.69 6.77 -6.86
CA PRO A 172 -4.76 6.73 -5.86
C PRO A 172 -5.46 8.05 -5.62
N HIS A 173 -4.78 9.19 -5.77
CA HIS A 173 -5.44 10.47 -5.49
C HIS A 173 -6.37 10.85 -6.61
N ALA A 174 -6.23 10.20 -7.76
CA ALA A 174 -7.04 10.60 -8.93
C ALA A 174 -8.14 9.60 -9.27
N ILE A 175 -8.22 8.51 -8.51
CA ILE A 175 -9.26 7.50 -8.79
C ILE A 175 -10.64 8.04 -8.42
N MET A 176 -11.60 7.89 -9.34
CA MET A 176 -12.96 8.34 -9.08
C MET A 176 -13.89 7.15 -8.99
N ARG A 177 -14.87 7.24 -8.09
CA ARG A 177 -15.84 6.16 -7.92
C ARG A 177 -17.25 6.70 -8.03
N LEU A 178 -18.06 6.02 -8.82
CA LEU A 178 -19.46 6.33 -8.96
C LEU A 178 -20.30 5.07 -8.73
N ASP A 179 -21.19 5.12 -7.76
CA ASP A 179 -22.04 3.98 -7.44
C ASP A 179 -23.32 3.94 -8.29
N LEU A 180 -23.11 3.86 -9.59
CA LEU A 180 -24.13 3.80 -10.60
C LEU A 180 -23.54 2.96 -11.73
N ALA A 181 -24.23 1.89 -12.08
CA ALA A 181 -23.80 0.97 -13.08
C ALA A 181 -24.98 0.16 -13.64
N GLY A 182 -24.69 -1.01 -14.18
CA GLY A 182 -25.65 -1.73 -14.95
C GLY A 182 -26.94 -2.07 -14.22
N ARG A 183 -26.87 -2.42 -12.94
CA ARG A 183 -28.07 -2.71 -12.18
C ARG A 183 -29.00 -1.48 -12.08
N ASP A 184 -28.44 -0.32 -11.83
CA ASP A 184 -29.21 0.88 -11.79
C ASP A 184 -29.86 1.16 -13.16
N LEU A 185 -29.15 0.91 -14.24
CA LEU A 185 -29.70 1.19 -15.55
C LEU A 185 -30.85 0.23 -15.85
N THR A 186 -30.69 -1.03 -15.45
CA THR A 186 -31.79 -2.00 -15.61
C THR A 186 -33.01 -1.54 -14.81
N ASP A 187 -32.80 -1.16 -13.56
CA ASP A 187 -33.92 -0.66 -12.74
C ASP A 187 -34.59 0.55 -13.38
N TYR A 188 -33.79 1.46 -13.91
CA TYR A 188 -34.35 2.67 -14.53
C TYR A 188 -35.15 2.35 -15.80
N LEU A 189 -34.63 1.44 -16.62
CA LEU A 189 -35.35 1.02 -17.83
C LEU A 189 -36.70 0.36 -17.48
N MET A 190 -36.69 -0.44 -16.41
CA MET A 190 -37.91 -1.03 -15.90
C MET A 190 -38.95 0.04 -15.62
N LYS A 191 -38.50 1.07 -14.91
CA LYS A 191 -39.37 2.17 -14.49
C LYS A 191 -39.94 2.89 -15.69
N ILE A 192 -39.10 3.26 -16.64
CA ILE A 192 -39.62 4.06 -17.74
C ILE A 192 -40.41 3.22 -18.75
N LEU A 193 -40.11 1.92 -18.84
CA LEU A 193 -40.95 1.05 -19.69
C LEU A 193 -42.31 0.88 -19.05
N THR A 194 -42.36 0.77 -17.72
CA THR A 194 -43.65 0.66 -17.03
C THR A 194 -44.47 1.93 -17.24
N GLU A 195 -43.82 3.08 -17.23
CA GLU A 195 -44.50 4.34 -17.50
C GLU A 195 -45.12 4.37 -18.90
N ARG A 196 -44.58 3.59 -19.83
CA ARG A 196 -45.06 3.63 -21.22
C ARG A 196 -46.23 2.66 -21.38
N GLY A 197 -46.61 2.01 -20.27
CA GLY A 197 -47.80 1.18 -20.25
C GLY A 197 -47.53 -0.31 -20.18
N TYR A 198 -46.27 -0.70 -20.29
CA TYR A 198 -45.91 -2.12 -20.20
C TYR A 198 -45.84 -2.57 -18.74
N SER A 199 -45.68 -3.87 -18.52
CA SER A 199 -45.64 -4.38 -17.16
C SER A 199 -44.45 -5.30 -16.96
N PHE A 200 -43.58 -4.90 -16.04
CA PHE A 200 -42.37 -5.66 -15.73
C PHE A 200 -42.12 -5.68 -14.22
N VAL A 201 -42.69 -6.64 -13.51
CA VAL A 201 -42.59 -6.64 -12.06
C VAL A 201 -41.96 -7.91 -11.47
N THR A 202 -42.42 -9.07 -11.92
CA THR A 202 -41.85 -10.35 -11.47
C THR A 202 -40.36 -10.43 -11.81
N THR A 203 -39.64 -11.32 -11.14
CA THR A 203 -38.19 -11.44 -11.37
C THR A 203 -37.91 -11.90 -12.79
N ALA A 204 -38.78 -12.76 -13.33
CA ALA A 204 -38.64 -13.19 -14.71
C ALA A 204 -38.79 -12.01 -15.67
N GLU A 205 -39.58 -11.03 -15.27
CA GLU A 205 -39.81 -9.87 -16.14
C GLU A 205 -38.62 -8.92 -16.08
N ARG A 206 -37.89 -8.96 -14.96
CA ARG A 206 -36.66 -8.20 -14.84
C ARG A 206 -35.61 -8.70 -15.84
N GLU A 207 -35.59 -10.00 -16.06
CA GLU A 207 -34.65 -10.56 -17.02
C GLU A 207 -34.98 -10.11 -18.44
N ILE A 208 -36.26 -9.87 -18.69
CA ILE A 208 -36.68 -9.38 -19.99
C ILE A 208 -36.14 -7.96 -20.18
N VAL A 209 -36.29 -7.12 -19.16
CA VAL A 209 -35.83 -5.74 -19.24
C VAL A 209 -34.30 -5.68 -19.46
N ARG A 210 -33.57 -6.53 -18.75
CA ARG A 210 -32.12 -6.62 -18.96
C ARG A 210 -31.78 -7.03 -20.40
N ASP A 211 -32.58 -7.92 -20.98
CA ASP A 211 -32.35 -8.35 -22.36
C ASP A 211 -32.59 -7.17 -23.31
N ILE A 212 -33.67 -6.42 -23.09
CA ILE A 212 -33.97 -5.24 -23.89
C ILE A 212 -32.84 -4.22 -23.76
N LYS A 213 -32.42 -3.96 -22.52
CA LYS A 213 -31.32 -3.04 -22.26
C LYS A 213 -30.07 -3.39 -23.06
N GLU A 214 -29.69 -4.66 -23.02
CA GLU A 214 -28.47 -5.12 -23.69
C GLU A 214 -28.59 -5.23 -25.21
N LYS A 215 -29.81 -5.35 -25.71
CA LYS A 215 -30.02 -5.52 -27.15
C LYS A 215 -30.47 -4.25 -27.90
N LEU A 216 -31.23 -3.37 -27.24
CA LEU A 216 -31.84 -2.25 -27.95
C LEU A 216 -31.37 -0.87 -27.48
N CYS A 217 -30.71 -0.77 -26.34
CA CYS A 217 -30.35 0.56 -25.84
C CYS A 217 -29.10 1.07 -26.55
N TYR A 218 -28.92 2.38 -26.54
CA TYR A 218 -27.71 3.00 -27.09
C TYR A 218 -27.52 4.36 -26.47
N VAL A 219 -26.31 4.89 -26.58
CA VAL A 219 -26.03 6.23 -26.06
C VAL A 219 -26.12 7.23 -27.20
N ALA A 220 -26.99 8.22 -27.03
CA ALA A 220 -27.18 9.30 -27.99
C ALA A 220 -25.95 10.20 -28.04
N LEU A 221 -25.61 10.68 -29.24
CA LEU A 221 -24.52 11.62 -29.36
C LEU A 221 -24.90 12.98 -28.77
N ASP A 222 -26.11 13.43 -29.07
CA ASP A 222 -26.64 14.65 -28.46
C ASP A 222 -28.03 14.37 -27.91
N PHE A 223 -28.13 14.25 -26.59
CA PHE A 223 -29.34 13.75 -25.96
C PHE A 223 -30.58 14.58 -26.29
N GLU A 224 -30.51 15.90 -26.11
CA GLU A 224 -31.67 16.74 -26.32
C GLU A 224 -32.15 16.74 -27.77
N ASN A 225 -31.22 16.72 -28.71
CA ASN A 225 -31.58 16.61 -30.13
C ASN A 225 -32.22 15.24 -30.41
N GLU A 226 -31.70 14.20 -29.77
CA GLU A 226 -32.25 12.86 -29.93
C GLU A 226 -33.65 12.74 -29.36
N MET A 227 -33.90 13.38 -28.22
CA MET A 227 -35.25 13.44 -27.66
C MET A 227 -36.19 14.13 -28.65
N ALA A 228 -35.71 15.24 -29.25
CA ALA A 228 -36.52 16.02 -30.17
C ALA A 228 -36.81 15.20 -31.42
N THR A 229 -35.86 14.35 -31.80
CA THR A 229 -35.99 13.56 -33.00
C THR A 229 -36.94 12.39 -32.73
N ALA A 230 -36.89 11.85 -31.52
CA ALA A 230 -37.75 10.74 -31.16
C ALA A 230 -39.20 11.22 -31.10
N ALA A 231 -39.37 12.50 -30.77
CA ALA A 231 -40.70 13.09 -30.64
C ALA A 231 -41.34 13.48 -31.98
N SER A 232 -40.54 13.75 -33.01
CA SER A 232 -41.14 14.20 -34.26
C SER A 232 -41.26 13.10 -35.33
N SER A 233 -40.78 11.90 -35.04
CA SER A 233 -40.86 10.79 -36.01
C SER A 233 -40.64 9.45 -35.33
N SER A 234 -41.00 8.38 -36.04
CA SER A 234 -40.85 7.02 -35.54
C SER A 234 -39.47 6.44 -35.89
N SER A 235 -38.57 7.26 -36.40
CA SER A 235 -37.32 6.79 -36.98
C SER A 235 -36.35 6.12 -35.99
N LEU A 236 -36.44 6.48 -34.71
CA LEU A 236 -35.56 5.94 -33.65
C LEU A 236 -36.16 4.68 -33.00
N GLU A 237 -37.40 4.34 -33.37
CA GLU A 237 -38.11 3.21 -32.76
C GLU A 237 -37.62 1.81 -33.18
N LYS A 238 -37.63 0.91 -32.22
CA LYS A 238 -37.33 -0.52 -32.41
C LYS A 238 -38.44 -1.38 -31.81
N SER A 239 -38.69 -2.54 -32.43
CA SER A 239 -39.64 -3.50 -31.89
C SER A 239 -38.90 -4.61 -31.16
N TYR A 240 -39.55 -5.15 -30.13
CA TYR A 240 -38.97 -6.23 -29.33
C TYR A 240 -40.03 -7.28 -29.08
N GLU A 241 -39.73 -8.52 -29.42
CA GLU A 241 -40.70 -9.59 -29.19
C GLU A 241 -40.55 -10.18 -27.79
N LEU A 242 -41.61 -10.07 -27.00
CA LEU A 242 -41.68 -10.65 -25.67
C LEU A 242 -41.76 -12.17 -25.78
N PRO A 243 -41.48 -12.88 -24.67
CA PRO A 243 -41.59 -14.34 -24.65
C PRO A 243 -42.95 -14.88 -25.11
N ASP A 244 -44.05 -14.27 -24.72
CA ASP A 244 -45.38 -14.76 -25.13
C ASP A 244 -45.73 -14.46 -26.59
N GLY A 245 -44.90 -13.66 -27.25
CA GLY A 245 -45.08 -13.40 -28.67
C GLY A 245 -45.58 -12.00 -28.95
N GLN A 246 -46.00 -11.30 -27.90
CA GLN A 246 -46.38 -9.90 -28.04
C GLN A 246 -45.16 -9.10 -28.52
N VAL A 247 -45.40 -8.25 -29.51
CA VAL A 247 -44.37 -7.35 -30.03
C VAL A 247 -44.58 -5.96 -29.46
N ILE A 248 -43.58 -5.44 -28.75
CA ILE A 248 -43.69 -4.09 -28.20
C ILE A 248 -42.70 -3.11 -28.81
N THR A 249 -42.99 -1.83 -28.68
CA THR A 249 -42.19 -0.80 -29.35
C THR A 249 -41.42 -0.04 -28.29
N ILE A 250 -40.13 0.17 -28.55
CA ILE A 250 -39.28 0.89 -27.64
C ILE A 250 -38.87 2.16 -28.38
N GLY A 251 -39.10 3.31 -27.76
CA GLY A 251 -38.73 4.56 -28.40
C GLY A 251 -37.57 5.25 -27.71
N ASN A 252 -37.83 6.42 -27.12
CA ASN A 252 -36.74 7.20 -26.53
C ASN A 252 -36.14 6.52 -25.29
N GLU A 253 -36.83 5.51 -24.76
CA GLU A 253 -36.27 4.69 -23.68
C GLU A 253 -34.94 4.04 -24.08
N ARG A 254 -34.75 3.83 -25.37
CA ARG A 254 -33.52 3.21 -25.88
C ARG A 254 -32.28 3.97 -25.45
N PHE A 255 -32.34 5.30 -25.51
CA PHE A 255 -31.16 6.11 -25.17
C PHE A 255 -31.34 6.87 -23.86
N ARG A 256 -32.57 6.98 -23.37
CA ARG A 256 -32.79 7.59 -22.06
C ARG A 256 -32.17 6.75 -20.95
N CYS A 257 -32.24 5.44 -21.11
CA CYS A 257 -31.73 4.53 -20.08
C CYS A 257 -30.20 4.73 -19.84
N PRO A 258 -29.35 4.54 -20.87
CA PRO A 258 -27.93 4.77 -20.56
C PRO A 258 -27.51 6.25 -20.45
N GLU A 259 -28.37 7.18 -20.85
CA GLU A 259 -28.09 8.60 -20.62
C GLU A 259 -27.83 8.86 -19.13
N THR A 260 -28.42 8.03 -18.28
CA THR A 260 -28.19 8.11 -16.82
C THR A 260 -26.69 8.14 -16.45
N LEU A 261 -25.85 7.46 -17.22
CA LEU A 261 -24.39 7.46 -16.98
C LEU A 261 -23.81 8.86 -17.07
N PHE A 262 -24.34 9.64 -18.00
CA PHE A 262 -23.89 10.99 -18.22
C PHE A 262 -24.68 11.99 -17.40
N GLN A 263 -25.89 11.61 -17.00
CA GLN A 263 -26.71 12.49 -16.17
C GLN A 263 -27.30 11.69 -15.00
N PRO A 264 -26.50 11.49 -13.93
CA PRO A 264 -26.98 10.71 -12.79
C PRO A 264 -28.22 11.28 -12.10
N SER A 265 -28.48 12.57 -12.33
CA SER A 265 -29.70 13.19 -11.81
C SER A 265 -30.97 12.48 -12.30
N PHE A 266 -30.87 11.74 -13.39
CA PHE A 266 -32.02 10.97 -13.89
C PHE A 266 -32.56 10.01 -12.83
N ILE A 267 -31.69 9.48 -11.98
CA ILE A 267 -32.18 8.65 -10.89
C ILE A 267 -31.95 9.32 -9.52
N GLY A 268 -31.85 10.64 -9.52
CA GLY A 268 -31.80 11.38 -8.26
C GLY A 268 -30.43 11.38 -7.57
N MET A 269 -29.38 11.05 -8.30
CA MET A 269 -28.05 11.02 -7.72
C MET A 269 -27.37 12.35 -8.04
N GLU A 270 -26.69 12.94 -7.06
CA GLU A 270 -26.14 14.28 -7.25
C GLU A 270 -24.69 14.32 -7.76
N SER A 271 -24.22 13.21 -8.32
CA SER A 271 -22.86 13.14 -8.84
C SER A 271 -22.72 13.62 -10.28
N ALA A 272 -21.51 13.99 -10.67
CA ALA A 272 -21.25 14.28 -12.06
C ALA A 272 -21.29 13.00 -12.89
N GLY A 273 -21.61 13.12 -14.18
CA GLY A 273 -21.63 11.97 -15.08
C GLY A 273 -20.24 11.48 -15.45
N ILE A 274 -20.17 10.36 -16.17
CA ILE A 274 -18.89 9.69 -16.41
C ILE A 274 -17.92 10.48 -17.31
N HIS A 275 -18.43 11.37 -18.16
CA HIS A 275 -17.53 12.24 -18.92
C HIS A 275 -16.82 13.23 -18.02
N GLU A 276 -17.57 13.84 -17.10
CA GLU A 276 -16.98 14.81 -16.20
C GLU A 276 -16.06 14.17 -15.17
N THR A 277 -16.38 12.97 -14.68
CA THR A 277 -15.50 12.32 -13.71
C THR A 277 -14.20 11.88 -14.40
N THR A 278 -14.31 11.50 -15.68
CA THR A 278 -13.11 11.22 -16.49
C THR A 278 -12.20 12.44 -16.54
N TYR A 279 -12.77 13.58 -16.93
CA TYR A 279 -12.02 14.84 -17.00
C TYR A 279 -11.45 15.20 -15.62
N ASN A 280 -12.28 15.12 -14.59
CA ASN A 280 -11.86 15.44 -13.22
C ASN A 280 -10.72 14.55 -12.75
N SER A 281 -10.77 13.28 -13.11
CA SER A 281 -9.70 12.33 -12.79
C SER A 281 -8.37 12.70 -13.45
N ILE A 282 -8.43 13.03 -14.73
CA ILE A 282 -7.24 13.49 -15.46
C ILE A 282 -6.67 14.75 -14.82
N MET A 283 -7.56 15.67 -14.44
CA MET A 283 -7.11 16.92 -13.85
C MET A 283 -6.55 16.71 -12.44
N LYS A 284 -6.77 15.55 -11.83
CA LYS A 284 -6.14 15.27 -10.55
C LYS A 284 -4.77 14.64 -10.76
N CYS A 285 -4.42 14.41 -12.01
CA CYS A 285 -3.07 13.93 -12.32
C CYS A 285 -2.15 15.08 -12.70
N ASP A 286 -0.84 14.85 -12.57
CA ASP A 286 0.17 15.84 -12.95
C ASP A 286 0.02 16.17 -14.43
N ILE A 287 0.34 17.43 -14.75
CA ILE A 287 0.20 17.94 -16.10
C ILE A 287 1.00 17.11 -17.12
N ASP A 288 2.17 16.63 -16.73
CA ASP A 288 3.01 15.89 -17.67
C ASP A 288 2.35 14.60 -18.20
N ILE A 289 1.49 13.96 -17.41
CA ILE A 289 0.91 12.69 -17.87
C ILE A 289 -0.43 12.86 -18.60
N ARG A 290 -1.05 14.03 -18.51
CA ARG A 290 -2.41 14.23 -19.01
C ARG A 290 -2.53 13.93 -20.50
N LYS A 291 -1.49 14.29 -21.25
CA LYS A 291 -1.47 14.06 -22.69
C LYS A 291 -1.63 12.57 -22.99
N ASP A 292 -0.92 11.72 -22.24
CA ASP A 292 -0.96 10.27 -22.43
C ASP A 292 -2.28 9.67 -21.95
N LEU A 293 -2.87 10.25 -20.92
CA LEU A 293 -4.16 9.77 -20.45
C LEU A 293 -5.23 10.05 -21.51
N TYR A 294 -5.28 11.29 -22.00
CA TYR A 294 -6.29 11.68 -22.99
C TYR A 294 -6.24 10.82 -24.24
N ALA A 295 -5.04 10.40 -24.64
CA ALA A 295 -4.86 9.61 -25.84
C ALA A 295 -5.04 8.12 -25.54
N ASN A 296 -5.30 7.76 -24.30
CA ASN A 296 -5.40 6.35 -23.95
C ASN A 296 -6.52 6.08 -22.95
N ASN A 297 -7.73 6.52 -23.32
CA ASN A 297 -8.98 6.25 -22.59
C ASN A 297 -9.51 4.87 -22.91
N VAL A 298 -9.28 3.91 -22.03
CA VAL A 298 -9.73 2.54 -22.31
C VAL A 298 -11.04 2.23 -21.57
N MET A 299 -12.06 1.80 -22.31
CA MET A 299 -13.34 1.42 -21.72
C MET A 299 -13.39 -0.05 -21.38
N SER A 300 -13.89 -0.37 -20.20
CA SER A 300 -13.85 -1.73 -19.68
C SER A 300 -15.17 -2.03 -18.95
N GLY A 301 -15.67 -3.27 -19.06
CA GLY A 301 -16.88 -3.64 -18.33
C GLY A 301 -18.15 -3.74 -19.16
N GLY A 302 -19.11 -4.51 -18.66
CA GLY A 302 -20.36 -4.75 -19.38
C GLY A 302 -21.14 -3.49 -19.72
N THR A 303 -21.09 -2.50 -18.83
CA THR A 303 -21.94 -1.30 -19.02
C THR A 303 -21.28 -0.28 -19.98
N THR A 304 -20.09 -0.59 -20.48
CA THR A 304 -19.53 0.24 -21.55
C THR A 304 -19.85 -0.32 -22.94
N MET A 305 -20.69 -1.36 -22.99
CA MET A 305 -21.00 -2.00 -24.27
C MET A 305 -22.02 -1.27 -25.17
N TYR A 306 -22.73 -0.27 -24.65
CA TYR A 306 -23.74 0.43 -25.46
C TYR A 306 -23.19 0.98 -26.76
N PRO A 307 -23.90 0.73 -27.89
CA PRO A 307 -23.55 1.42 -29.15
C PRO A 307 -23.58 2.93 -28.92
N GLY A 308 -22.63 3.65 -29.50
CA GLY A 308 -22.60 5.09 -29.36
C GLY A 308 -21.82 5.61 -28.15
N ILE A 309 -21.53 4.76 -27.16
CA ILE A 309 -20.93 5.33 -25.95
C ILE A 309 -19.49 5.84 -26.17
N ALA A 310 -18.69 5.15 -26.99
CA ALA A 310 -17.32 5.59 -27.25
C ALA A 310 -17.32 6.94 -27.95
N ASP A 311 -18.20 7.08 -28.92
CA ASP A 311 -18.32 8.30 -29.72
C ASP A 311 -18.86 9.47 -28.88
N ARG A 312 -19.82 9.19 -28.01
CA ARG A 312 -20.29 10.20 -27.07
C ARG A 312 -19.17 10.65 -26.12
N MET A 313 -18.41 9.70 -25.59
CA MET A 313 -17.29 10.05 -24.72
C MET A 313 -16.26 10.90 -25.44
N GLN A 314 -15.96 10.52 -26.68
CA GLN A 314 -15.03 11.31 -27.50
C GLN A 314 -15.50 12.75 -27.62
N LYS A 315 -16.78 12.92 -27.94
CA LYS A 315 -17.38 14.24 -28.04
C LYS A 315 -17.29 15.01 -26.72
N GLU A 316 -17.71 14.39 -25.62
CA GLU A 316 -17.74 15.10 -24.35
C GLU A 316 -16.34 15.44 -23.84
N ILE A 317 -15.39 14.52 -23.98
CA ILE A 317 -14.04 14.80 -23.49
C ILE A 317 -13.41 15.88 -24.36
N THR A 318 -13.65 15.82 -25.67
CA THR A 318 -13.15 16.85 -26.56
C THR A 318 -13.65 18.24 -26.13
N ALA A 319 -14.91 18.32 -25.70
CA ALA A 319 -15.47 19.59 -25.26
C ALA A 319 -14.82 20.10 -23.96
N LEU A 320 -14.39 19.19 -23.10
CA LEU A 320 -13.77 19.59 -21.81
C LEU A 320 -12.27 19.86 -21.89
N ALA A 321 -11.58 19.14 -22.78
CA ALA A 321 -10.11 19.17 -22.86
C ALA A 321 -9.60 20.41 -23.58
N PRO A 322 -8.29 20.74 -23.42
CA PRO A 322 -7.75 21.83 -24.27
C PRO A 322 -7.96 21.51 -25.75
N SER A 323 -8.20 22.55 -26.56
CA SER A 323 -8.53 22.34 -27.98
C SER A 323 -7.41 21.66 -28.78
N THR A 324 -6.19 21.74 -28.29
CA THR A 324 -5.06 21.13 -28.99
C THR A 324 -4.85 19.65 -28.61
N MET A 325 -5.60 19.16 -27.64
CA MET A 325 -5.38 17.81 -27.12
C MET A 325 -5.83 16.70 -28.06
N LYS A 326 -4.96 15.72 -28.24
CA LYS A 326 -5.29 14.52 -29.01
C LYS A 326 -6.05 13.57 -28.08
N ILE A 327 -7.29 13.30 -28.43
CA ILE A 327 -8.15 12.46 -27.60
C ILE A 327 -8.50 11.15 -28.31
N LYS A 328 -8.33 10.03 -27.63
CA LYS A 328 -8.65 8.74 -28.20
C LYS A 328 -9.36 7.85 -27.19
N ILE A 329 -10.53 7.33 -27.59
CA ILE A 329 -11.27 6.37 -26.76
C ILE A 329 -11.09 4.97 -27.32
N ILE A 330 -10.56 4.06 -26.52
CA ILE A 330 -10.36 2.69 -26.95
C ILE A 330 -11.48 1.82 -26.38
N ALA A 331 -12.21 1.13 -27.25
CA ALA A 331 -13.33 0.31 -26.78
C ALA A 331 -13.21 -1.08 -27.39
N PRO A 332 -12.44 -1.97 -26.74
CA PRO A 332 -12.23 -3.31 -27.30
C PRO A 332 -13.52 -4.12 -27.39
N PRO A 333 -13.68 -4.90 -28.46
CA PRO A 333 -14.92 -5.69 -28.59
C PRO A 333 -15.14 -6.65 -27.42
N GLU A 334 -14.06 -7.12 -26.82
CA GLU A 334 -14.19 -8.12 -25.76
C GLU A 334 -14.25 -7.50 -24.35
N ARG A 335 -14.56 -6.20 -24.27
CA ARG A 335 -14.41 -5.46 -23.01
C ARG A 335 -15.33 -5.89 -21.87
N LYS A 336 -16.34 -6.71 -22.17
CA LYS A 336 -17.11 -7.37 -21.12
C LYS A 336 -16.22 -8.26 -20.24
N TYR A 337 -15.12 -8.73 -20.83
CA TYR A 337 -14.23 -9.67 -20.15
C TYR A 337 -12.79 -9.18 -20.08
N SER A 338 -12.58 -7.88 -20.32
CA SER A 338 -11.23 -7.30 -20.37
C SER A 338 -10.44 -7.52 -19.09
N VAL A 339 -11.12 -7.36 -17.95
CA VAL A 339 -10.49 -7.55 -16.64
C VAL A 339 -9.95 -8.98 -16.54
N TRP A 340 -10.81 -9.93 -16.84
CA TRP A 340 -10.43 -11.33 -16.77
C TRP A 340 -9.27 -11.65 -17.73
N ILE A 341 -9.39 -11.16 -18.96
CA ILE A 341 -8.38 -11.41 -19.98
C ILE A 341 -7.02 -10.81 -19.58
N GLY A 342 -7.04 -9.62 -18.97
CA GLY A 342 -5.81 -9.03 -18.46
C GLY A 342 -5.19 -9.89 -17.36
N GLY A 343 -6.02 -10.47 -16.51
CA GLY A 343 -5.52 -11.38 -15.48
C GLY A 343 -4.91 -12.62 -16.12
N SER A 344 -5.57 -13.16 -17.14
CA SER A 344 -5.09 -14.34 -17.84
C SER A 344 -3.72 -14.10 -18.47
N ILE A 345 -3.55 -12.91 -19.04
CA ILE A 345 -2.28 -12.51 -19.63
C ILE A 345 -1.20 -12.37 -18.57
N LEU A 346 -1.51 -11.62 -17.52
CA LEU A 346 -0.55 -11.32 -16.48
C LEU A 346 -0.01 -12.60 -15.83
N ALA A 347 -0.92 -13.50 -15.48
CA ALA A 347 -0.54 -14.73 -14.80
C ALA A 347 0.24 -15.66 -15.74
N SER A 348 0.25 -15.34 -17.03
CA SER A 348 1.00 -16.12 -18.02
C SER A 348 2.41 -15.60 -18.28
N LEU A 349 2.70 -14.38 -17.85
CA LEU A 349 4.01 -13.79 -18.13
C LEU A 349 5.15 -14.40 -17.31
N SER A 350 6.32 -14.52 -17.93
CA SER A 350 7.46 -15.09 -17.22
C SER A 350 7.94 -14.10 -16.14
N THR A 351 7.87 -12.80 -16.44
CA THR A 351 8.27 -11.79 -15.46
C THR A 351 7.30 -11.68 -14.28
N PHE A 352 6.17 -12.36 -14.36
CA PHE A 352 5.19 -12.28 -13.28
C PHE A 352 5.38 -13.37 -12.22
N GLN A 353 6.08 -14.44 -12.58
CA GLN A 353 6.11 -15.60 -11.71
C GLN A 353 6.78 -15.32 -10.36
N GLN A 354 7.72 -14.37 -10.32
CA GLN A 354 8.31 -13.94 -9.04
C GLN A 354 7.28 -13.23 -8.17
N MET A 355 6.21 -12.73 -8.80
CA MET A 355 5.26 -11.88 -8.10
C MET A 355 4.25 -12.64 -7.25
N TRP A 356 4.10 -13.95 -7.48
CA TRP A 356 3.18 -14.76 -6.69
C TRP A 356 3.55 -14.72 -5.21
N ILE A 357 2.54 -14.61 -4.35
CA ILE A 357 2.73 -14.82 -2.93
C ILE A 357 2.60 -16.31 -2.67
N THR A 358 3.62 -16.94 -2.11
CA THR A 358 3.56 -18.38 -1.89
C THR A 358 3.04 -18.75 -0.50
N LYS A 359 2.55 -19.97 -0.39
CA LYS A 359 2.11 -20.51 0.89
C LYS A 359 3.25 -20.49 1.91
N GLN A 360 4.48 -20.75 1.44
CA GLN A 360 5.65 -20.68 2.32
C GLN A 360 5.81 -19.28 2.92
N GLU A 361 5.69 -18.26 2.08
CA GLU A 361 5.78 -16.89 2.56
C GLU A 361 4.66 -16.58 3.53
N TYR A 362 3.46 -17.03 3.19
CA TYR A 362 2.30 -16.84 4.06
C TYR A 362 2.52 -17.48 5.43
N ASP A 363 3.12 -18.67 5.47
CA ASP A 363 3.38 -19.36 6.74
C ASP A 363 4.27 -18.53 7.66
N GLU A 364 5.16 -17.76 7.06
CA GLU A 364 6.13 -16.94 7.80
C GLU A 364 5.57 -15.59 8.23
N ALA A 365 4.94 -14.89 7.29
CA ALA A 365 4.53 -13.49 7.48
C ALA A 365 3.04 -13.28 7.77
N GLY A 366 2.21 -14.26 7.41
CA GLY A 366 0.78 -14.10 7.59
C GLY A 366 0.14 -13.24 6.50
N PRO A 367 -1.14 -12.88 6.69
CA PRO A 367 -1.94 -12.18 5.68
C PRO A 367 -1.36 -10.83 5.26
N SER A 368 -0.58 -10.18 6.12
CA SER A 368 -0.03 -8.87 5.77
C SER A 368 1.04 -8.99 4.70
N ILE A 369 1.49 -10.22 4.42
CA ILE A 369 2.41 -10.45 3.30
C ILE A 369 1.82 -9.93 1.99
N VAL A 370 0.50 -9.83 1.91
CA VAL A 370 -0.12 -9.37 0.67
C VAL A 370 0.31 -7.94 0.32
N HIS A 371 0.69 -7.14 1.32
CA HIS A 371 1.09 -5.74 1.06
C HIS A 371 2.50 -5.65 0.51
N ARG A 372 3.26 -6.74 0.64
CA ARG A 372 4.61 -6.78 0.10
C ARG A 372 4.59 -6.89 -1.42
N LYS A 373 3.63 -7.63 -1.96
CA LYS A 373 3.58 -7.85 -3.41
C LYS A 373 2.36 -7.27 -4.14
N CYS A 374 1.27 -6.98 -3.42
CA CYS A 374 0.07 -6.47 -4.07
C CYS A 374 -0.36 -5.11 -3.53
N MET B 8 18.78 -10.06 -2.05
CA MET B 8 19.04 -10.47 -0.69
C MET B 8 20.36 -11.19 -0.55
N ALA B 9 20.73 -11.97 -1.56
CA ALA B 9 22.04 -12.58 -1.57
C ALA B 9 23.14 -11.52 -1.48
N GLU B 10 22.99 -10.39 -2.15
CA GLU B 10 24.03 -9.36 -2.11
C GLU B 10 24.14 -8.77 -0.68
N ILE B 11 23.05 -8.72 0.05
CA ILE B 11 23.07 -8.22 1.42
C ILE B 11 23.70 -9.27 2.30
N PRO B 34 10.73 -3.84 -18.69
CA PRO B 34 10.93 -5.30 -18.73
C PRO B 34 9.66 -6.07 -18.33
N ASP B 35 9.21 -5.88 -17.09
CA ASP B 35 7.89 -6.34 -16.69
C ASP B 35 6.86 -5.70 -17.60
N MET B 36 6.99 -4.39 -17.78
CA MET B 36 6.03 -3.63 -18.57
C MET B 36 6.19 -3.92 -20.07
N ALA B 37 7.42 -4.15 -20.51
CA ALA B 37 7.66 -4.45 -21.91
C ALA B 37 6.98 -5.76 -22.32
N GLU B 38 6.94 -6.72 -21.41
CA GLU B 38 6.31 -8.00 -21.75
C GLU B 38 4.80 -7.83 -21.94
N ILE B 39 4.21 -6.90 -21.21
CA ILE B 39 2.78 -6.63 -21.33
C ILE B 39 2.48 -5.91 -22.63
N GLU B 40 3.31 -4.92 -22.95
CA GLU B 40 3.09 -4.07 -24.11
C GLU B 40 3.26 -4.83 -25.42
N LYS B 41 4.12 -5.84 -25.42
CA LYS B 41 4.42 -6.58 -26.64
C LYS B 41 3.69 -7.91 -26.71
N PHE B 42 2.83 -8.19 -25.73
CA PHE B 42 2.20 -9.50 -25.66
C PHE B 42 1.29 -9.77 -26.85
N ASP B 43 1.29 -11.01 -27.33
CA ASP B 43 0.48 -11.39 -28.48
C ASP B 43 -0.76 -12.15 -28.03
N LYS B 44 -1.91 -11.48 -28.03
CA LYS B 44 -3.14 -12.07 -27.52
C LYS B 44 -3.68 -13.19 -28.41
N SER B 45 -3.20 -13.27 -29.66
CA SER B 45 -3.62 -14.33 -30.56
C SER B 45 -3.12 -15.69 -30.05
N LYS B 46 -2.11 -15.65 -29.19
CA LYS B 46 -1.54 -16.87 -28.63
C LYS B 46 -2.32 -17.39 -27.42
N LEU B 47 -3.28 -16.62 -26.92
CA LEU B 47 -4.14 -17.11 -25.84
C LEU B 47 -5.04 -18.24 -26.39
N LYS B 48 -5.34 -19.29 -25.60
CA LYS B 48 -6.15 -20.42 -26.08
C LYS B 48 -7.63 -20.09 -26.25
N LYS B 49 -8.25 -20.42 -27.39
CA LYS B 49 -9.71 -20.36 -27.47
C LYS B 49 -10.27 -21.34 -26.47
N THR B 50 -11.42 -21.00 -25.93
CA THR B 50 -12.03 -21.78 -24.91
C THR B 50 -13.50 -21.46 -24.95
N GLU B 51 -14.33 -22.40 -24.52
CA GLU B 51 -15.76 -22.16 -24.54
C GLU B 51 -16.21 -21.55 -23.21
N THR B 52 -16.86 -20.40 -23.31
CA THR B 52 -17.39 -19.72 -22.13
C THR B 52 -18.82 -20.18 -21.81
N GLN B 53 -19.01 -20.72 -20.62
CA GLN B 53 -20.35 -21.08 -20.16
C GLN B 53 -20.99 -19.94 -19.39
N GLU B 54 -22.15 -19.50 -19.88
CA GLU B 54 -22.88 -18.40 -19.29
C GLU B 54 -24.36 -18.50 -19.70
N LYS B 55 -25.23 -18.36 -18.71
CA LYS B 55 -26.66 -18.39 -18.93
C LYS B 55 -27.16 -16.98 -19.06
N THR C 6 27.41 9.84 -7.77
CA THR C 6 27.50 9.21 -6.45
C THR C 6 26.24 9.42 -5.65
N ALA C 7 25.67 8.34 -5.12
CA ALA C 7 24.45 8.45 -4.32
C ALA C 7 24.71 9.03 -2.92
N LEU C 8 23.77 9.84 -2.44
CA LEU C 8 23.82 10.37 -1.08
C LEU C 8 22.94 9.51 -0.17
N VAL C 9 23.30 9.45 1.11
CA VAL C 9 22.46 8.77 2.08
C VAL C 9 22.19 9.71 3.23
N CYS C 10 20.93 10.06 3.46
CA CYS C 10 20.59 10.96 4.55
C CYS C 10 19.61 10.28 5.51
N ASP C 11 20.07 10.07 6.74
CA ASP C 11 19.30 9.41 7.79
C ASP C 11 18.89 10.43 8.84
N ASN C 12 17.65 10.88 8.75
CA ASN C 12 17.11 11.92 9.63
C ASN C 12 16.47 11.36 10.88
N GLY C 13 17.02 11.74 12.04
CA GLY C 13 16.49 11.31 13.32
C GLY C 13 15.89 12.44 14.17
N SER C 14 15.27 12.06 15.27
CA SER C 14 14.63 13.00 16.18
C SER C 14 15.65 13.96 16.78
N GLY C 15 16.86 13.46 17.03
CA GLY C 15 17.91 14.26 17.64
C GLY C 15 19.06 14.60 16.71
N LEU C 16 19.38 13.67 15.81
CA LEU C 16 20.57 13.82 14.97
C LEU C 16 20.32 13.52 13.50
N VAL C 17 20.94 14.33 12.64
CA VAL C 17 20.99 14.01 11.21
C VAL C 17 22.29 13.28 10.92
N LYS C 18 22.23 12.15 10.22
CA LYS C 18 23.44 11.46 9.78
C LYS C 18 23.44 11.46 8.28
N ALA C 19 24.47 12.02 7.67
CA ALA C 19 24.48 12.19 6.22
C ALA C 19 25.84 11.91 5.63
N GLY C 20 25.86 11.38 4.40
CA GLY C 20 27.09 11.06 3.73
C GLY C 20 26.89 10.49 2.34
N PHE C 21 27.90 9.75 1.88
CA PHE C 21 27.95 9.24 0.51
C PHE C 21 27.86 7.75 0.50
N ALA C 22 27.02 7.21 -0.39
CA ALA C 22 26.87 5.76 -0.52
C ALA C 22 28.23 5.15 -0.82
N GLY C 23 28.54 4.02 -0.19
CA GLY C 23 29.84 3.40 -0.37
C GLY C 23 30.84 3.72 0.73
N ASP C 24 30.62 4.81 1.45
CA ASP C 24 31.47 5.14 2.60
C ASP C 24 31.04 4.26 3.78
N ASP C 25 31.96 3.99 4.70
CA ASP C 25 31.62 3.13 5.82
C ASP C 25 31.06 3.89 7.02
N ALA C 26 30.95 5.22 6.90
CA ALA C 26 30.39 6.04 7.98
C ALA C 26 29.86 7.34 7.42
N PRO C 27 28.88 7.96 8.11
CA PRO C 27 28.41 9.26 7.63
C PRO C 27 29.46 10.34 7.82
N ARG C 28 29.60 11.24 6.85
CA ARG C 28 30.56 12.34 6.97
C ARG C 28 30.06 13.45 7.88
N ALA C 29 28.75 13.57 7.98
CA ALA C 29 28.18 14.68 8.73
C ALA C 29 27.14 14.16 9.71
N VAL C 30 27.30 14.56 10.97
CA VAL C 30 26.36 14.27 12.03
C VAL C 30 26.10 15.57 12.80
N PHE C 31 24.86 16.00 12.89
CA PHE C 31 24.58 17.27 13.56
C PHE C 31 23.16 17.31 14.13
N PRO C 32 22.92 18.20 15.11
CA PRO C 32 21.60 18.22 15.77
C PRO C 32 20.47 18.60 14.84
N SER C 33 19.39 17.82 14.93
CA SER C 33 18.19 18.01 14.13
C SER C 33 17.35 19.12 14.74
N ILE C 34 17.89 20.34 14.73
CA ILE C 34 17.23 21.46 15.37
C ILE C 34 17.22 22.68 14.49
N VAL C 35 16.12 23.43 14.55
CA VAL C 35 16.05 24.72 13.86
C VAL C 35 15.68 25.82 14.87
N GLY C 36 16.38 26.94 14.83
CA GLY C 36 16.05 28.07 15.67
C GLY C 36 15.63 29.30 14.87
N ARG C 37 14.59 30.00 15.34
CA ARG C 37 14.15 31.24 14.71
C ARG C 37 14.03 32.37 15.72
N SER C 52 16.68 32.15 10.34
CA SER C 52 16.68 30.79 10.87
C SER C 52 18.09 30.28 11.08
N TYR C 53 18.26 29.41 12.07
CA TYR C 53 19.56 28.80 12.37
C TYR C 53 19.40 27.27 12.48
N VAL C 54 20.38 26.52 12.00
CA VAL C 54 20.26 25.07 11.95
C VAL C 54 21.45 24.38 12.65
N GLY C 55 21.15 23.33 13.42
CA GLY C 55 22.18 22.47 13.98
C GLY C 55 22.99 23.07 15.13
N ASP C 56 24.32 22.95 15.03
CA ASP C 56 25.22 23.47 16.06
C ASP C 56 25.00 24.95 16.31
N GLU C 57 24.82 25.70 15.23
CA GLU C 57 24.74 27.17 15.30
C GLU C 57 23.40 27.67 15.84
N ALA C 58 22.50 26.76 16.15
CA ALA C 58 21.22 27.14 16.73
C ALA C 58 21.22 27.00 18.25
N LEU C 65 16.40 33.06 20.40
CA LEU C 65 15.79 32.10 19.47
C LEU C 65 14.80 31.13 20.09
N THR C 66 13.81 30.75 19.29
CA THR C 66 12.95 29.60 19.55
C THR C 66 13.60 28.31 18.99
N LEU C 67 13.88 27.32 19.85
CA LEU C 67 14.38 26.05 19.31
C LEU C 67 13.26 25.06 19.03
N LYS C 68 13.35 24.40 17.88
CA LYS C 68 12.35 23.42 17.50
C LYS C 68 12.98 22.16 16.92
N TYR C 69 12.36 21.02 17.23
CA TYR C 69 12.77 19.75 16.67
C TYR C 69 11.75 19.36 15.62
N PRO C 70 12.14 19.43 14.35
CA PRO C 70 11.19 19.15 13.27
C PRO C 70 10.76 17.67 13.20
N ILE C 71 11.55 16.79 13.82
CA ILE C 71 11.23 15.36 13.92
C ILE C 71 10.94 14.99 15.37
N GLU C 72 9.72 14.52 15.62
CA GLU C 72 9.30 14.14 16.98
C GLU C 72 8.97 12.66 17.02
N HIC C 73 9.62 11.92 17.94
CA HIC C 73 9.44 10.48 18.04
C HIC C 73 9.59 9.80 16.69
O HIC C 73 8.83 8.84 16.38
CB HIC C 73 8.09 10.14 18.67
CG HIC C 73 7.98 10.88 19.98
ND1 HIC C 73 8.83 10.75 21.02
CD2 HIC C 73 7.02 11.81 20.35
CE1 HIC C 73 8.42 11.57 22.02
NE2 HIC C 73 7.32 12.22 21.61
CZ HIC C 73 6.56 13.20 22.41
N GLY C 74 10.53 10.28 15.89
CA GLY C 74 10.86 9.66 14.61
C GLY C 74 10.09 10.18 13.41
N ILE C 75 9.05 10.95 13.66
CA ILE C 75 8.13 11.43 12.62
C ILE C 75 8.38 12.90 12.26
N ILE C 76 8.49 13.23 10.98
CA ILE C 76 8.59 14.64 10.59
C ILE C 76 7.28 15.36 10.85
N THR C 77 7.29 16.41 11.66
CA THR C 77 6.06 17.13 11.98
C THR C 77 6.08 18.60 11.59
N ASN C 78 7.26 19.12 11.27
CA ASN C 78 7.37 20.51 10.84
C ASN C 78 8.13 20.57 9.52
N TRP C 79 7.40 20.75 8.43
CA TRP C 79 8.01 20.61 7.11
C TRP C 79 8.89 21.76 6.68
N ASP C 80 8.53 22.99 7.06
CA ASP C 80 9.38 24.15 6.78
C ASP C 80 10.74 23.98 7.42
N ASP C 81 10.77 23.55 8.68
CA ASP C 81 12.04 23.31 9.37
C ASP C 81 12.82 22.14 8.79
N MET C 82 12.11 21.10 8.34
CA MET C 82 12.78 19.95 7.73
C MET C 82 13.49 20.39 6.43
N GLU C 83 12.86 21.28 5.66
CA GLU C 83 13.52 21.78 4.46
C GLU C 83 14.78 22.57 4.82
N LYS C 84 14.74 23.30 5.93
CA LYS C 84 15.91 24.01 6.42
C LYS C 84 17.01 23.00 6.79
N ILE C 85 16.61 21.90 7.42
CA ILE C 85 17.56 20.83 7.75
C ILE C 85 18.19 20.21 6.50
N TRP C 86 17.37 19.87 5.51
CA TRP C 86 17.88 19.25 4.30
C TRP C 86 18.77 20.21 3.51
N HIS C 87 18.38 21.48 3.48
CA HIS C 87 19.21 22.52 2.85
C HIS C 87 20.57 22.58 3.52
N HIS C 88 20.56 22.66 4.85
CA HIS C 88 21.80 22.70 5.62
C HIS C 88 22.62 21.44 5.36
N THR C 89 21.97 20.29 5.23
CA THR C 89 22.64 19.03 4.98
C THR C 89 23.36 19.02 3.63
N PHE C 90 22.62 19.34 2.57
CA PHE C 90 23.15 19.33 1.22
C PHE C 90 24.29 20.34 1.04
N TYR C 91 24.01 21.60 1.35
CA TYR C 91 24.95 22.66 1.01
C TYR C 91 26.02 22.92 2.08
N ASN C 92 25.58 23.12 3.32
CA ASN C 92 26.51 23.50 4.38
C ASN C 92 27.34 22.32 4.88
N GLU C 93 26.73 21.15 5.05
CA GLU C 93 27.45 20.01 5.62
C GLU C 93 28.16 19.17 4.56
N LEU C 94 27.43 18.74 3.54
CA LEU C 94 28.00 17.84 2.55
C LEU C 94 28.66 18.59 1.41
N ARG C 95 28.34 19.86 1.27
CA ARG C 95 28.88 20.71 0.19
C ARG C 95 28.69 20.07 -1.18
N VAL C 96 27.47 19.72 -1.49
CA VAL C 96 27.10 19.12 -2.78
C VAL C 96 26.00 19.89 -3.46
N ALA C 97 25.81 19.64 -4.76
CA ALA C 97 24.63 20.09 -5.48
C ALA C 97 23.64 18.94 -5.58
N PRO C 98 22.46 19.09 -4.94
CA PRO C 98 21.45 18.02 -4.84
C PRO C 98 21.04 17.47 -6.21
N GLU C 99 20.96 18.34 -7.22
CA GLU C 99 20.51 17.91 -8.54
C GLU C 99 21.47 16.91 -9.21
N GLU C 100 22.66 16.74 -8.64
CA GLU C 100 23.65 15.85 -9.24
C GLU C 100 23.67 14.46 -8.61
N HIS C 101 22.90 14.26 -7.53
CA HIS C 101 23.02 13.03 -6.75
C HIS C 101 21.69 12.33 -6.44
N PRO C 102 21.56 11.07 -6.84
CA PRO C 102 20.46 10.25 -6.29
C PRO C 102 20.54 10.26 -4.77
N THR C 103 19.40 10.43 -4.10
CA THR C 103 19.38 10.62 -2.65
C THR C 103 18.51 9.58 -1.93
N LEU C 104 19.12 8.80 -1.05
CA LEU C 104 18.36 7.85 -0.24
C LEU C 104 18.04 8.48 1.10
N LEU C 105 16.75 8.52 1.43
CA LEU C 105 16.29 9.04 2.72
C LEU C 105 15.80 7.89 3.56
N THR C 106 15.66 8.10 4.86
CA THR C 106 15.12 7.07 5.74
C THR C 106 13.84 7.55 6.41
N GLU C 107 13.04 6.59 6.88
CA GLU C 107 11.81 6.92 7.57
C GLU C 107 11.59 5.95 8.71
N ALA C 108 10.78 6.38 9.67
CA ALA C 108 10.40 5.55 10.80
C ALA C 108 9.43 4.47 10.36
N PRO C 109 9.44 3.34 11.09
CA PRO C 109 8.41 2.31 10.91
C PRO C 109 7.03 2.94 11.07
N LEU C 110 6.07 2.50 10.26
CA LEU C 110 4.68 2.98 10.34
C LEU C 110 4.55 4.50 10.07
N ASN C 111 5.52 5.08 9.37
CA ASN C 111 5.42 6.47 8.89
C ASN C 111 4.16 6.62 8.03
N PRO C 112 3.30 7.59 8.36
CA PRO C 112 2.07 7.79 7.56
C PRO C 112 2.35 7.99 6.08
N LYS C 113 1.46 7.49 5.23
CA LYS C 113 1.63 7.52 3.78
C LYS C 113 1.83 8.95 3.27
N ALA C 114 1.05 9.88 3.82
CA ALA C 114 1.14 11.28 3.42
C ALA C 114 2.53 11.87 3.69
N ASN C 115 3.19 11.42 4.76
CA ASN C 115 4.51 11.93 5.09
C ASN C 115 5.57 11.49 4.08
N ARG C 116 5.49 10.24 3.67
CA ARG C 116 6.40 9.70 2.67
C ARG C 116 6.21 10.44 1.33
N GLU C 117 4.97 10.77 0.99
CA GLU C 117 4.72 11.54 -0.24
C GLU C 117 5.28 12.96 -0.15
N LYS C 118 5.11 13.61 0.99
CA LYS C 118 5.65 14.95 1.19
C LYS C 118 7.19 14.99 1.08
N MET C 119 7.87 13.99 1.65
CA MET C 119 9.32 13.89 1.57
C MET C 119 9.74 13.81 0.11
N THR C 120 8.99 13.02 -0.65
CA THR C 120 9.25 12.80 -2.07
C THR C 120 9.04 14.08 -2.87
N GLN C 121 7.94 14.76 -2.58
CA GLN C 121 7.62 16.03 -3.24
C GLN C 121 8.71 17.07 -3.02
N ILE C 122 9.14 17.23 -1.77
CA ILE C 122 10.17 18.20 -1.43
C ILE C 122 11.51 17.87 -2.11
N MET C 123 11.92 16.60 -2.09
CA MET C 123 13.19 16.22 -2.73
C MET C 123 13.20 16.58 -4.21
N PHE C 124 12.10 16.31 -4.90
CA PHE C 124 12.08 16.55 -6.34
C PHE C 124 11.79 18.00 -6.70
N GLU C 125 10.87 18.64 -5.99
CA GLU C 125 10.42 19.97 -6.39
C GLU C 125 11.26 21.07 -5.77
N THR C 126 11.79 20.84 -4.57
CA THR C 126 12.60 21.85 -3.91
C THR C 126 14.08 21.64 -4.22
N PHE C 127 14.55 20.40 -4.15
CA PHE C 127 15.98 20.15 -4.33
C PHE C 127 16.36 19.59 -5.69
N ASN C 128 15.35 19.24 -6.48
CA ASN C 128 15.54 18.80 -7.88
C ASN C 128 16.49 17.61 -7.99
N VAL C 129 16.42 16.67 -7.05
CA VAL C 129 17.26 15.47 -7.16
C VAL C 129 16.91 14.70 -8.43
N PRO C 130 17.90 14.00 -9.03
CA PRO C 130 17.63 13.20 -10.22
C PRO C 130 16.89 11.89 -9.90
N ALA C 131 16.93 11.48 -8.64
CA ALA C 131 16.37 10.19 -8.23
C ALA C 131 16.31 10.14 -6.72
N MET C 132 15.36 9.38 -6.18
CA MET C 132 15.28 9.26 -4.73
C MET C 132 14.68 7.92 -4.30
N TYR C 133 14.82 7.62 -3.02
CA TYR C 133 14.23 6.42 -2.44
C TYR C 133 14.04 6.67 -0.95
N VAL C 134 13.01 6.09 -0.36
CA VAL C 134 12.83 6.15 1.10
C VAL C 134 12.80 4.73 1.65
N ALA C 135 13.68 4.44 2.61
CA ALA C 135 13.76 3.11 3.22
C ALA C 135 13.42 3.18 4.70
N ILE C 136 12.86 2.11 5.24
CA ILE C 136 12.58 2.05 6.67
C ILE C 136 13.88 1.86 7.46
N GLN C 137 14.07 2.71 8.46
CA GLN C 137 15.30 2.73 9.24
C GLN C 137 15.71 1.36 9.79
N ALA C 138 14.79 0.66 10.46
CA ALA C 138 15.13 -0.64 11.05
C ALA C 138 15.54 -1.66 9.99
N VAL C 139 14.90 -1.58 8.83
CA VAL C 139 15.25 -2.51 7.76
C VAL C 139 16.69 -2.29 7.31
N LEU C 140 17.09 -1.02 7.19
CA LEU C 140 18.48 -0.69 6.84
C LEU C 140 19.48 -1.24 7.88
N SER C 141 19.14 -1.10 9.17
CA SER C 141 19.97 -1.66 10.23
C SER C 141 20.14 -3.16 10.10
N LEU C 142 19.07 -3.85 9.76
CA LEU C 142 19.15 -5.28 9.53
C LEU C 142 20.12 -5.62 8.39
N TYR C 143 19.99 -4.88 7.28
CA TYR C 143 20.86 -5.02 6.12
C TYR C 143 22.33 -4.81 6.49
N ALA C 144 22.59 -3.81 7.33
CA ALA C 144 23.94 -3.51 7.77
C ALA C 144 24.57 -4.69 8.52
N SER C 145 23.75 -5.55 9.14
CA SER C 145 24.29 -6.72 9.84
C SER C 145 24.35 -7.93 8.90
N GLY C 146 24.05 -7.72 7.62
CA GLY C 146 24.12 -8.78 6.62
C GLY C 146 22.94 -9.75 6.57
N ARG C 147 21.79 -9.33 7.09
CA ARG C 147 20.60 -10.19 7.19
C ARG C 147 19.41 -9.55 6.48
N THR C 148 18.42 -10.36 6.09
CA THR C 148 17.19 -9.80 5.55
C THR C 148 15.99 -10.29 6.35
N THR C 149 16.24 -11.16 7.32
CA THR C 149 15.21 -11.60 8.25
C THR C 149 15.75 -11.52 9.69
N GLY C 150 14.94 -10.96 10.59
CA GLY C 150 15.35 -10.83 11.98
C GLY C 150 14.52 -9.78 12.68
N ILE C 151 14.84 -9.48 13.93
CA ILE C 151 14.09 -8.45 14.62
C ILE C 151 15.04 -7.38 15.15
N VAL C 152 14.69 -6.13 14.82
CA VAL C 152 15.55 -5.00 15.16
C VAL C 152 15.01 -4.26 16.39
N LEU C 153 15.90 -3.97 17.34
CA LEU C 153 15.63 -2.99 18.39
C LEU C 153 16.34 -1.72 18.00
N ASP C 154 15.59 -0.69 17.63
CA ASP C 154 16.19 0.58 17.20
C ASP C 154 15.83 1.62 18.24
N SER C 155 16.83 2.21 18.90
CA SER C 155 16.56 3.16 19.97
C SER C 155 17.46 4.38 19.79
N GLY C 156 16.84 5.54 19.62
CA GLY C 156 17.59 6.74 19.33
C GLY C 156 17.45 7.81 20.39
N ASP C 157 17.12 9.01 19.95
CA ASP C 157 17.00 10.16 20.86
C ASP C 157 15.57 10.38 21.30
N GLY C 158 14.64 10.05 20.41
CA GLY C 158 13.22 10.36 20.60
C GLY C 158 12.30 9.14 20.65
N VAL C 159 12.70 8.04 20.05
CA VAL C 159 11.80 6.89 20.00
C VAL C 159 12.57 5.55 20.02
N THR C 160 11.92 4.50 20.53
CA THR C 160 12.44 3.14 20.47
C THR C 160 11.43 2.27 19.70
N HIS C 161 11.89 1.46 18.75
CA HIS C 161 11.00 0.54 18.02
C HIS C 161 11.49 -0.90 18.12
N ASN C 162 10.57 -1.86 18.14
CA ASN C 162 10.90 -3.26 17.86
C ASN C 162 10.31 -3.54 16.48
N VAL C 163 11.14 -4.00 15.55
CA VAL C 163 10.68 -4.20 14.18
C VAL C 163 11.07 -5.57 13.68
N PRO C 164 10.10 -6.50 13.66
CA PRO C 164 10.39 -7.81 13.07
C PRO C 164 10.27 -7.71 11.56
N ILE C 165 11.18 -8.39 10.88
CA ILE C 165 11.35 -8.22 9.43
C ILE C 165 11.49 -9.58 8.77
N TYR C 166 10.73 -9.80 7.70
CA TYR C 166 10.81 -11.04 6.94
C TYR C 166 11.20 -10.73 5.51
N GLU C 167 12.39 -11.18 5.10
CA GLU C 167 12.91 -10.92 3.76
C GLU C 167 12.77 -9.45 3.35
N GLY C 168 13.22 -8.54 4.21
CA GLY C 168 13.23 -7.11 3.91
C GLY C 168 11.90 -6.42 4.14
N TYR C 169 10.89 -7.19 4.51
CA TYR C 169 9.55 -6.64 4.77
C TYR C 169 9.26 -6.52 6.26
N ALA C 170 9.11 -5.28 6.73
CA ALA C 170 8.76 -5.02 8.12
C ALA C 170 7.33 -5.46 8.37
N LEU C 171 7.12 -6.31 9.36
CA LEU C 171 5.79 -6.91 9.61
C LEU C 171 4.90 -5.94 10.39
N PRO C 172 3.95 -5.30 9.70
CA PRO C 172 3.27 -4.13 10.28
C PRO C 172 2.46 -4.42 11.54
N HIS C 173 1.87 -5.60 11.68
CA HIS C 173 1.06 -5.88 12.86
C HIS C 173 1.91 -6.16 14.10
N ALA C 174 3.20 -6.43 13.91
CA ALA C 174 4.05 -6.81 15.06
C ALA C 174 5.03 -5.70 15.48
N ILE C 175 4.99 -4.57 14.78
CA ILE C 175 5.90 -3.48 15.13
C ILE C 175 5.47 -2.86 16.47
N MET C 176 6.43 -2.62 17.36
CA MET C 176 6.16 -1.95 18.64
C MET C 176 6.85 -0.58 18.67
N ARG C 177 6.19 0.41 19.23
CA ARG C 177 6.77 1.74 19.39
C ARG C 177 6.70 2.14 20.85
N LEU C 178 7.81 2.60 21.40
CA LEU C 178 7.90 3.08 22.77
C LEU C 178 8.53 4.47 22.79
N ASP C 179 7.78 5.47 23.25
CA ASP C 179 8.32 6.84 23.27
C ASP C 179 9.20 7.07 24.50
N LEU C 180 10.24 6.27 24.58
CA LEU C 180 11.24 6.36 25.63
C LEU C 180 12.57 6.11 24.93
N ALA C 181 13.45 7.11 24.96
CA ALA C 181 14.75 6.98 24.30
C ALA C 181 15.77 7.92 24.94
N GLY C 182 16.79 8.27 24.16
CA GLY C 182 17.95 8.99 24.68
C GLY C 182 17.66 10.29 25.42
N ARG C 183 16.74 11.09 24.89
CA ARG C 183 16.39 12.37 25.52
C ARG C 183 15.80 12.15 26.90
N ASP C 184 14.96 11.12 27.03
CA ASP C 184 14.39 10.80 28.33
C ASP C 184 15.46 10.33 29.32
N LEU C 185 16.45 9.57 28.84
CA LEU C 185 17.52 9.10 29.70
C LEU C 185 18.41 10.27 30.17
N THR C 186 18.66 11.21 29.26
CA THR C 186 19.39 12.43 29.63
C THR C 186 18.63 13.21 30.71
N ASP C 187 17.33 13.40 30.50
CA ASP C 187 16.47 14.07 31.49
C ASP C 187 16.49 13.33 32.83
N TYR C 188 16.44 12.01 32.78
CA TYR C 188 16.43 11.24 34.02
C TYR C 188 17.77 11.37 34.75
N LEU C 189 18.87 11.35 34.00
CA LEU C 189 20.19 11.51 34.61
C LEU C 189 20.28 12.86 35.30
N MET C 190 19.75 13.89 34.64
CA MET C 190 19.67 15.22 35.25
C MET C 190 18.92 15.17 36.59
N LYS C 191 17.76 14.51 36.60
CA LYS C 191 16.90 14.40 37.78
C LYS C 191 17.59 13.70 38.95
N ILE C 192 18.21 12.55 38.71
CA ILE C 192 18.80 11.80 39.83
C ILE C 192 20.13 12.42 40.31
N LEU C 193 20.84 13.14 39.45
CA LEU C 193 22.01 13.89 39.92
C LEU C 193 21.55 15.06 40.82
N THR C 194 20.42 15.66 40.47
CA THR C 194 19.82 16.73 41.28
C THR C 194 19.43 16.22 42.67
N GLU C 195 19.04 14.94 42.76
CA GLU C 195 18.69 14.32 44.04
C GLU C 195 19.80 14.40 45.06
N ARG C 196 21.05 14.39 44.57
CA ARG C 196 22.23 14.41 45.44
C ARG C 196 22.86 15.79 45.62
N GLY C 197 22.17 16.82 45.18
CA GLY C 197 22.63 18.16 45.49
C GLY C 197 23.20 18.94 44.32
N TYR C 198 23.29 18.31 43.15
CA TYR C 198 23.76 19.05 41.99
C TYR C 198 22.68 19.95 41.39
N SER C 199 23.10 20.84 40.51
CA SER C 199 22.19 21.80 39.91
C SER C 199 22.44 21.89 38.41
N PHE C 200 21.37 21.75 37.62
CA PHE C 200 21.48 21.79 36.17
C PHE C 200 20.38 22.68 35.56
N GLU C 205 23.64 23.26 30.39
CA GLU C 205 23.80 22.29 31.45
C GLU C 205 23.19 20.94 31.11
N ARG C 206 22.18 20.92 30.25
CA ARG C 206 21.66 19.68 29.73
C ARG C 206 22.67 18.98 28.81
N GLU C 207 23.38 19.79 28.02
CA GLU C 207 24.35 19.26 27.05
C GLU C 207 25.50 18.61 27.79
N ILE C 208 25.80 19.13 28.96
CA ILE C 208 26.83 18.53 29.80
C ILE C 208 26.38 17.16 30.29
N VAL C 209 25.15 17.08 30.79
CA VAL C 209 24.62 15.83 31.31
C VAL C 209 24.54 14.77 30.20
N ARG C 210 24.16 15.18 28.98
CA ARG C 210 24.14 14.26 27.86
C ARG C 210 25.53 13.66 27.63
N ASP C 211 26.56 14.50 27.76
CA ASP C 211 27.92 14.03 27.60
C ASP C 211 28.30 13.03 28.69
N ILE C 212 27.91 13.33 29.93
CA ILE C 212 28.18 12.42 31.04
C ILE C 212 27.51 11.05 30.76
N LYS C 213 26.26 11.11 30.32
CA LYS C 213 25.51 9.90 29.95
C LYS C 213 26.28 9.03 28.94
N GLU C 214 26.76 9.64 27.88
CA GLU C 214 27.40 8.88 26.81
C GLU C 214 28.76 8.33 27.20
N LYS C 215 29.43 8.97 28.14
CA LYS C 215 30.80 8.58 28.46
C LYS C 215 30.90 7.61 29.64
N LEU C 216 30.02 7.76 30.62
CA LEU C 216 30.16 7.03 31.87
C LEU C 216 29.07 6.02 32.20
N CYS C 217 27.94 6.06 31.49
CA CYS C 217 26.83 5.19 31.86
C CYS C 217 27.01 3.77 31.30
N TYR C 218 26.35 2.80 31.95
CA TYR C 218 26.39 1.41 31.50
C TYR C 218 25.18 0.66 32.04
N VAL C 219 24.88 -0.48 31.43
CA VAL C 219 23.74 -1.27 31.88
C VAL C 219 24.22 -2.38 32.80
N ALA C 220 23.70 -2.39 34.02
CA ALA C 220 24.03 -3.43 34.98
C ALA C 220 23.44 -4.78 34.53
N LEU C 221 24.20 -5.85 34.74
CA LEU C 221 23.69 -7.19 34.42
C LEU C 221 22.60 -7.61 35.41
N ASP C 222 22.84 -7.32 36.68
CA ASP C 222 21.83 -7.55 37.72
C ASP C 222 21.65 -6.28 38.51
N PHE C 223 20.58 -5.54 38.21
CA PHE C 223 20.45 -4.19 38.75
C PHE C 223 20.46 -4.15 40.27
N GLU C 224 19.61 -4.97 40.90
CA GLU C 224 19.50 -4.95 42.35
C GLU C 224 20.80 -5.32 43.03
N ASN C 225 21.50 -6.29 42.46
CA ASN C 225 22.80 -6.65 42.99
C ASN C 225 23.82 -5.51 42.84
N GLU C 226 23.78 -4.84 41.69
CA GLU C 226 24.67 -3.71 41.42
C GLU C 226 24.40 -2.55 42.39
N MET C 227 23.13 -2.31 42.68
CA MET C 227 22.78 -1.28 43.66
C MET C 227 23.30 -1.61 45.05
N ALA C 228 23.11 -2.85 45.47
CA ALA C 228 23.50 -3.25 46.82
C ALA C 228 25.02 -3.19 47.03
N THR C 229 25.77 -3.55 46.00
CA THR C 229 27.23 -3.58 46.06
C THR C 229 27.97 -2.31 45.65
N ALA C 230 27.26 -1.30 45.15
CA ALA C 230 27.91 -0.09 44.63
C ALA C 230 28.77 0.65 45.66
N ALA C 231 28.46 0.55 46.95
CA ALA C 231 29.23 1.33 47.91
C ALA C 231 30.63 0.75 48.12
N SER C 232 30.78 -0.55 47.89
CA SER C 232 32.06 -1.19 48.12
C SER C 232 32.87 -1.40 46.82
N SER C 233 32.32 -0.99 45.68
CA SER C 233 33.08 -1.08 44.43
C SER C 233 34.13 0.04 44.34
N SER C 234 35.36 -0.29 43.96
CA SER C 234 36.41 0.73 43.87
C SER C 234 36.47 1.28 42.47
N SER C 235 35.60 0.73 41.62
CA SER C 235 35.65 0.98 40.20
C SER C 235 34.49 1.86 39.74
N LEU C 236 33.43 1.90 40.53
CA LEU C 236 32.21 2.51 40.03
C LEU C 236 32.20 4.02 40.09
N GLU C 237 32.93 4.63 41.04
CA GLU C 237 32.91 6.08 41.10
C GLU C 237 33.76 6.59 39.94
N LYS C 238 33.24 7.59 39.23
CA LYS C 238 34.01 8.21 38.16
C LYS C 238 33.93 9.71 38.35
N SER C 239 35.01 10.40 38.03
CA SER C 239 34.99 11.85 38.11
C SER C 239 34.76 12.41 36.72
N TYR C 240 34.10 13.56 36.67
CA TYR C 240 33.85 14.20 35.39
C TYR C 240 34.19 15.67 35.51
N GLU C 241 35.08 16.14 34.65
CA GLU C 241 35.47 17.54 34.68
C GLU C 241 34.50 18.38 33.87
N LEU C 242 33.81 19.27 34.58
CA LEU C 242 32.89 20.22 33.98
C LEU C 242 33.70 21.23 33.17
N PRO C 243 33.04 21.95 32.23
CA PRO C 243 33.73 22.98 31.45
C PRO C 243 34.43 24.06 32.28
N ASP C 244 33.79 24.60 33.32
CA ASP C 244 34.42 25.66 34.12
C ASP C 244 35.51 25.11 35.05
N GLY C 245 35.62 23.79 35.12
CA GLY C 245 36.70 23.16 35.86
C GLY C 245 36.35 22.40 37.13
N GLN C 246 35.11 22.49 37.59
CA GLN C 246 34.66 21.70 38.73
C GLN C 246 34.75 20.20 38.44
N VAL C 247 35.28 19.43 39.40
CA VAL C 247 35.31 17.97 39.27
C VAL C 247 34.16 17.40 40.07
N ILE C 248 33.22 16.74 39.41
CA ILE C 248 32.09 16.13 40.12
C ILE C 248 32.08 14.62 39.96
N THR C 249 31.41 13.94 40.89
CA THR C 249 31.45 12.49 40.96
C THR C 249 30.11 11.82 40.69
N ILE C 250 30.16 10.79 39.85
CA ILE C 250 29.00 9.99 39.52
C ILE C 250 29.23 8.56 40.00
N GLY C 251 28.29 8.04 40.77
CA GLY C 251 28.36 6.70 41.30
C GLY C 251 27.30 5.80 40.69
N ASN C 252 26.32 5.42 41.49
CA ASN C 252 25.32 4.49 40.99
C ASN C 252 24.43 5.12 39.91
N GLU C 253 24.49 6.44 39.70
CA GLU C 253 23.74 7.05 38.59
C GLU C 253 24.20 6.47 37.24
N ARG C 254 25.43 6.00 37.18
CA ARG C 254 25.99 5.43 35.95
C ARG C 254 25.12 4.30 35.39
N PHE C 255 24.59 3.43 36.26
CA PHE C 255 23.79 2.32 35.74
C PHE C 255 22.28 2.49 36.03
N ARG C 256 21.93 3.39 36.95
CA ARG C 256 20.52 3.70 37.17
C ARG C 256 19.88 4.38 35.97
N CYS C 257 20.65 5.23 35.30
CA CYS C 257 20.12 6.01 34.18
C CYS C 257 19.61 5.07 33.06
N PRO C 258 20.48 4.20 32.49
CA PRO C 258 19.91 3.34 31.44
C PRO C 258 19.05 2.15 31.91
N GLU C 259 19.05 1.87 33.22
CA GLU C 259 18.13 0.86 33.76
C GLU C 259 16.68 1.21 33.36
N THR C 260 16.43 2.51 33.17
CA THR C 260 15.12 3.00 32.73
C THR C 260 14.59 2.29 31.48
N LEU C 261 15.49 1.91 30.57
CA LEU C 261 15.11 1.15 29.39
C LEU C 261 14.41 -0.17 29.74
N PHE C 262 14.87 -0.80 30.81
CA PHE C 262 14.30 -2.06 31.28
C PHE C 262 13.19 -1.84 32.30
N GLN C 263 13.20 -0.68 32.95
CA GLN C 263 12.17 -0.35 33.95
C GLN C 263 11.64 1.06 33.71
N PRO C 264 10.70 1.20 32.75
CA PRO C 264 10.15 2.52 32.42
C PRO C 264 9.43 3.19 33.60
N SER C 265 9.04 2.42 34.60
CA SER C 265 8.47 2.99 35.81
C SER C 265 9.41 3.98 36.49
N PHE C 266 10.72 3.86 36.22
CA PHE C 266 11.71 4.81 36.77
C PHE C 266 11.35 6.25 36.43
N ILE C 267 10.75 6.47 35.27
CA ILE C 267 10.32 7.83 34.90
C ILE C 267 8.80 7.96 34.85
N GLY C 268 8.10 7.12 35.59
CA GLY C 268 6.66 7.23 35.73
C GLY C 268 5.89 6.74 34.53
N MET C 269 6.57 5.99 33.67
CA MET C 269 5.94 5.49 32.47
C MET C 269 5.47 4.05 32.72
N GLU C 270 4.27 3.71 32.25
CA GLU C 270 3.68 2.41 32.58
C GLU C 270 3.95 1.32 31.54
N SER C 271 4.93 1.53 30.68
CA SER C 271 5.22 0.55 29.66
C SER C 271 6.14 -0.55 30.19
N ALA C 272 6.09 -1.68 29.53
CA ALA C 272 7.07 -2.74 29.77
C ALA C 272 8.41 -2.26 29.23
N GLY C 273 9.51 -2.83 29.74
CA GLY C 273 10.84 -2.50 29.27
C GLY C 273 11.18 -3.11 27.91
N ILE C 274 12.35 -2.74 27.37
CA ILE C 274 12.69 -3.09 25.99
C ILE C 274 12.87 -4.60 25.79
N HIS C 275 13.18 -5.32 26.85
CA HIS C 275 13.22 -6.77 26.74
C HIS C 275 11.84 -7.33 26.52
N GLU C 276 10.86 -6.82 27.27
CA GLU C 276 9.50 -7.31 27.12
C GLU C 276 8.85 -6.86 25.83
N THR C 277 9.14 -5.66 25.36
CA THR C 277 8.54 -5.23 24.10
C THR C 277 9.16 -6.07 22.97
N THR C 278 10.43 -6.43 23.09
CA THR C 278 11.03 -7.35 22.12
C THR C 278 10.28 -8.67 22.11
N TYR C 279 10.10 -9.28 23.27
CA TYR C 279 9.37 -10.53 23.38
C TYR C 279 7.95 -10.41 22.83
N ASN C 280 7.26 -9.34 23.21
CA ASN C 280 5.89 -9.15 22.75
C ASN C 280 5.78 -9.02 21.24
N SER C 281 6.75 -8.33 20.63
CA SER C 281 6.79 -8.18 19.19
C SER C 281 6.97 -9.54 18.52
N ILE C 282 7.92 -10.34 19.02
CA ILE C 282 8.12 -11.68 18.50
C ILE C 282 6.82 -12.51 18.62
N MET C 283 6.14 -12.37 19.75
CA MET C 283 4.92 -13.15 19.96
C MET C 283 3.76 -12.70 19.09
N LYS C 284 3.89 -11.53 18.44
CA LYS C 284 2.87 -11.13 17.46
C LYS C 284 3.14 -11.66 16.06
N CYS C 285 4.28 -12.30 15.88
CA CYS C 285 4.61 -12.92 14.60
C CYS C 285 4.22 -14.39 14.60
N ASP C 286 4.05 -14.96 13.40
CA ASP C 286 3.72 -16.38 13.25
C ASP C 286 4.78 -17.27 13.86
N ILE C 287 4.36 -18.41 14.39
CA ILE C 287 5.29 -19.32 15.02
C ILE C 287 6.43 -19.78 14.09
N ASP C 288 6.17 -19.94 12.79
CA ASP C 288 7.20 -20.43 11.86
C ASP C 288 8.44 -19.51 11.79
N ILE C 289 8.25 -18.21 11.99
CA ILE C 289 9.37 -17.27 11.87
C ILE C 289 10.07 -17.00 13.21
N ARG C 290 9.46 -17.39 14.34
CA ARG C 290 10.02 -16.98 15.64
C ARG C 290 11.45 -17.44 15.93
N LYS C 291 11.82 -18.66 15.50
CA LYS C 291 13.18 -19.13 15.71
C LYS C 291 14.17 -18.17 15.05
N ASP C 292 13.85 -17.74 13.83
CA ASP C 292 14.73 -16.83 13.10
C ASP C 292 14.78 -15.44 13.74
N LEU C 293 13.67 -15.01 14.33
CA LEU C 293 13.67 -13.71 15.01
C LEU C 293 14.59 -13.80 16.24
N TYR C 294 14.38 -14.83 17.05
CA TYR C 294 15.17 -15.03 18.26
C TYR C 294 16.67 -15.12 17.99
N ALA C 295 17.03 -15.76 16.88
CA ALA C 295 18.44 -15.95 16.52
C ALA C 295 19.02 -14.77 15.76
N ASN C 296 18.23 -13.73 15.51
CA ASN C 296 18.69 -12.59 14.74
C ASN C 296 18.14 -11.27 15.33
N ASN C 297 18.37 -11.10 16.62
CA ASN C 297 18.09 -9.88 17.38
C ASN C 297 19.14 -8.84 17.14
N VAL C 298 18.85 -7.86 16.30
CA VAL C 298 19.82 -6.81 16.00
C VAL C 298 19.55 -5.52 16.75
N MET C 299 20.55 -5.03 17.47
CA MET C 299 20.42 -3.75 18.18
C MET C 299 20.99 -2.59 17.37
N SER C 300 20.23 -1.49 17.33
CA SER C 300 20.56 -0.37 16.47
C SER C 300 20.26 0.96 17.15
N GLY C 301 21.06 1.97 16.89
CA GLY C 301 20.80 3.31 17.41
C GLY C 301 21.67 3.74 18.59
N GLY C 302 21.78 5.04 18.77
CA GLY C 302 22.64 5.59 19.82
C GLY C 302 22.35 5.10 21.23
N THR C 303 21.08 4.86 21.52
CA THR C 303 20.70 4.51 22.89
C THR C 303 20.91 3.01 23.14
N THR C 304 21.34 2.27 22.11
CA THR C 304 21.78 0.90 22.37
C THR C 304 23.28 0.81 22.62
N MET C 305 23.96 1.95 22.69
CA MET C 305 25.43 1.94 22.85
C MET C 305 25.96 1.62 24.25
N TYR C 306 25.11 1.63 25.27
CA TYR C 306 25.58 1.40 26.64
C TYR C 306 26.37 0.09 26.78
N PRO C 307 27.55 0.16 27.40
CA PRO C 307 28.24 -1.09 27.74
C PRO C 307 27.32 -1.99 28.56
N GLY C 308 27.34 -3.30 28.28
CA GLY C 308 26.53 -4.24 29.03
C GLY C 308 25.12 -4.48 28.51
N ILE C 309 24.63 -3.64 27.59
CA ILE C 309 23.24 -3.78 27.20
C ILE C 309 22.97 -5.07 26.44
N ALA C 310 23.91 -5.52 25.61
CA ALA C 310 23.70 -6.76 24.86
C ALA C 310 23.54 -7.95 25.79
N ASP C 311 24.44 -8.08 26.76
CA ASP C 311 24.40 -9.21 27.69
C ASP C 311 23.17 -9.15 28.58
N ARG C 312 22.76 -7.94 28.97
CA ARG C 312 21.53 -7.81 29.76
C ARG C 312 20.33 -8.29 28.93
N MET C 313 20.27 -7.86 27.67
CA MET C 313 19.21 -8.31 26.78
C MET C 313 19.20 -9.84 26.60
N GLN C 314 20.39 -10.41 26.42
CA GLN C 314 20.54 -11.85 26.26
C GLN C 314 19.92 -12.56 27.46
N LYS C 315 20.25 -12.08 28.65
CA LYS C 315 19.67 -12.62 29.87
C LYS C 315 18.15 -12.48 29.93
N GLU C 316 17.66 -11.27 29.69
CA GLU C 316 16.24 -10.99 29.85
C GLU C 316 15.36 -11.70 28.80
N ILE C 317 15.81 -11.69 27.54
CA ILE C 317 15.03 -12.35 26.50
C ILE C 317 15.04 -13.87 26.72
N THR C 318 16.18 -14.41 27.10
CA THR C 318 16.25 -15.85 27.36
C THR C 318 15.29 -16.27 28.48
N ALA C 319 15.14 -15.44 29.50
CA ALA C 319 14.25 -15.76 30.61
C ALA C 319 12.79 -15.86 30.12
N LEU C 320 12.43 -15.05 29.12
CA LEU C 320 11.07 -15.02 28.60
C LEU C 320 10.80 -16.11 27.53
N ALA C 321 11.84 -16.46 26.79
CA ALA C 321 11.68 -17.37 25.64
C ALA C 321 11.58 -18.84 26.08
N PRO C 322 11.07 -19.71 25.20
CA PRO C 322 11.13 -21.14 25.49
C PRO C 322 12.58 -21.59 25.67
N SER C 323 12.84 -22.56 26.56
CA SER C 323 14.21 -22.98 26.83
C SER C 323 14.93 -23.60 25.62
N THR C 324 14.15 -24.08 24.65
CA THR C 324 14.71 -24.76 23.47
C THR C 324 15.11 -23.75 22.39
N MET C 325 14.76 -22.49 22.61
CA MET C 325 15.04 -21.46 21.64
C MET C 325 16.50 -20.98 21.67
N LYS C 326 17.14 -20.91 20.52
CA LYS C 326 18.47 -20.32 20.40
C LYS C 326 18.34 -18.81 20.24
N ILE C 327 18.96 -18.07 21.16
CA ILE C 327 18.87 -16.62 21.19
C ILE C 327 20.21 -15.97 20.87
N LYS C 328 20.22 -15.00 19.98
CA LYS C 328 21.45 -14.31 19.63
C LYS C 328 21.18 -12.81 19.52
N ILE C 329 21.96 -12.03 20.25
CA ILE C 329 21.90 -10.57 20.19
C ILE C 329 23.05 -10.08 19.33
N ILE C 330 22.75 -9.36 18.25
CA ILE C 330 23.81 -8.82 17.41
C ILE C 330 23.90 -7.33 17.73
N ALA C 331 25.07 -6.92 18.20
CA ALA C 331 25.28 -5.53 18.57
C ALA C 331 26.61 -5.05 18.04
N PRO C 332 26.65 -4.61 16.77
CA PRO C 332 27.88 -4.17 16.12
C PRO C 332 28.47 -2.95 16.83
N PRO C 333 29.80 -2.83 16.86
CA PRO C 333 30.43 -1.69 17.53
C PRO C 333 29.98 -0.35 16.94
N GLU C 334 29.65 -0.35 15.66
CA GLU C 334 29.31 0.89 14.97
C GLU C 334 27.80 1.15 14.92
N ARG C 335 27.05 0.48 15.79
CA ARG C 335 25.58 0.46 15.69
C ARG C 335 24.90 1.80 15.91
N LYS C 336 25.65 2.78 16.39
CA LYS C 336 25.20 4.17 16.45
C LYS C 336 24.83 4.70 15.04
N TYR C 337 25.44 4.09 14.02
CA TYR C 337 25.29 4.51 12.64
C TYR C 337 24.78 3.38 11.73
N SER C 338 24.22 2.34 12.31
CA SER C 338 23.77 1.16 11.55
C SER C 338 22.74 1.49 10.49
N VAL C 339 21.80 2.38 10.82
CA VAL C 339 20.79 2.77 9.86
C VAL C 339 21.46 3.38 8.64
N TRP C 340 22.33 4.37 8.90
CA TRP C 340 23.03 5.05 7.82
C TRP C 340 23.88 4.05 7.03
N ILE C 341 24.61 3.19 7.74
CA ILE C 341 25.45 2.21 7.06
C ILE C 341 24.61 1.27 6.18
N GLY C 342 23.45 0.87 6.67
CA GLY C 342 22.55 0.03 5.89
C GLY C 342 22.11 0.73 4.61
N GLY C 343 21.86 2.02 4.72
CA GLY C 343 21.50 2.82 3.56
C GLY C 343 22.65 2.90 2.58
N SER C 344 23.87 3.07 3.10
CA SER C 344 25.05 3.16 2.26
C SER C 344 25.23 1.89 1.46
N ILE C 345 24.99 0.76 2.12
CA ILE C 345 25.04 -0.55 1.48
C ILE C 345 23.95 -0.75 0.44
N LEU C 346 22.70 -0.49 0.82
CA LEU C 346 21.57 -0.67 -0.08
C LEU C 346 21.76 0.14 -1.36
N ALA C 347 22.14 1.40 -1.20
CA ALA C 347 22.28 2.32 -2.33
C ALA C 347 23.43 1.94 -3.27
N SER C 348 24.31 1.06 -2.79
CA SER C 348 25.45 0.56 -3.56
C SER C 348 25.15 -0.76 -4.28
N LEU C 349 24.04 -1.41 -3.94
CA LEU C 349 23.70 -2.70 -4.54
C LEU C 349 23.24 -2.55 -5.98
N SER C 350 23.63 -3.50 -6.83
CA SER C 350 23.23 -3.47 -8.24
C SER C 350 21.76 -3.80 -8.39
N THR C 351 21.26 -4.72 -7.56
CA THR C 351 19.84 -5.10 -7.59
C THR C 351 18.92 -3.99 -7.09
N PHE C 352 19.50 -2.94 -6.52
CA PHE C 352 18.70 -1.83 -5.99
C PHE C 352 18.49 -0.72 -7.01
N GLN C 353 19.34 -0.66 -8.04
CA GLN C 353 19.35 0.51 -8.92
C GLN C 353 18.01 0.71 -9.65
N GLN C 354 17.31 -0.38 -9.91
CA GLN C 354 15.98 -0.33 -10.49
C GLN C 354 14.95 0.28 -9.55
N MET C 355 15.26 0.27 -8.25
CA MET C 355 14.29 0.69 -7.23
C MET C 355 14.22 2.21 -7.08
N TRP C 356 15.22 2.93 -7.58
CA TRP C 356 15.21 4.40 -7.50
C TRP C 356 13.97 4.97 -8.19
N ILE C 357 13.37 5.98 -7.57
CA ILE C 357 12.34 6.76 -8.22
C ILE C 357 13.01 7.86 -8.99
N THR C 358 12.82 7.91 -10.31
CA THR C 358 13.51 8.92 -11.11
C THR C 358 12.71 10.21 -11.22
N LYS C 359 13.40 11.30 -11.57
CA LYS C 359 12.74 12.57 -11.79
C LYS C 359 11.63 12.46 -12.84
N GLN C 360 11.88 11.66 -13.88
CA GLN C 360 10.89 11.43 -14.94
C GLN C 360 9.64 10.75 -14.40
N GLU C 361 9.82 9.70 -13.60
CA GLU C 361 8.68 9.03 -12.99
C GLU C 361 7.91 9.99 -12.07
N TYR C 362 8.63 10.77 -11.28
CA TYR C 362 7.99 11.75 -10.42
C TYR C 362 7.19 12.76 -11.24
N ASP C 363 7.77 13.21 -12.33
CA ASP C 363 7.13 14.18 -13.21
C ASP C 363 5.81 13.67 -13.78
N GLU C 364 5.69 12.36 -13.98
CA GLU C 364 4.48 11.79 -14.55
C GLU C 364 3.43 11.47 -13.48
N ALA C 365 3.87 10.82 -12.41
CA ALA C 365 2.95 10.24 -11.43
C ALA C 365 2.73 11.13 -10.22
N GLY C 366 3.69 12.00 -9.94
CA GLY C 366 3.61 12.82 -8.75
C GLY C 366 4.02 12.07 -7.50
N PRO C 367 3.83 12.69 -6.32
CA PRO C 367 4.35 12.15 -5.05
C PRO C 367 3.87 10.73 -4.71
N SER C 368 2.71 10.30 -5.21
CA SER C 368 2.20 8.98 -4.85
C SER C 368 3.01 7.84 -5.48
N ILE C 369 3.85 8.18 -6.45
CA ILE C 369 4.76 7.21 -7.05
C ILE C 369 5.65 6.52 -6.01
N VAL C 370 5.81 7.14 -4.84
CA VAL C 370 6.65 6.55 -3.79
C VAL C 370 6.07 5.22 -3.30
N HIS C 371 4.76 5.03 -3.41
CA HIS C 371 4.12 3.79 -2.97
C HIS C 371 4.29 2.66 -3.97
N ARG C 372 4.69 3.00 -5.19
CA ARG C 372 4.93 1.98 -6.19
C ARG C 372 6.28 1.29 -5.91
N LYS C 373 7.27 2.07 -5.45
CA LYS C 373 8.64 1.59 -5.32
C LYS C 373 9.12 1.46 -3.87
N CYS C 374 8.44 2.16 -2.96
CA CYS C 374 8.78 2.10 -1.53
C CYS C 374 7.59 1.62 -0.70
PG ATP D . -18.79 -4.43 -11.03
O1G ATP D . -19.73 -3.22 -11.06
O2G ATP D . -17.61 -4.22 -11.94
O3G ATP D . -18.50 -4.90 -9.64
PB ATP D . -19.36 -6.82 -12.62
O1B ATP D . -17.87 -6.96 -12.71
O2B ATP D . -20.26 -7.96 -12.22
O3B ATP D . -19.75 -5.60 -11.62
PA ATP D . -19.53 -6.69 -15.48
O1A ATP D . -18.40 -5.87 -16.03
O2A ATP D . -19.40 -8.20 -15.44
O3A ATP D . -19.89 -6.18 -14.00
O5' ATP D . -20.85 -6.23 -16.27
C5' ATP D . -22.13 -6.78 -15.93
C4' ATP D . -23.18 -5.72 -16.29
O4' ATP D . -22.96 -5.33 -17.65
C3' ATP D . -24.63 -6.16 -16.15
O3' ATP D . -25.40 -5.09 -15.58
C2' ATP D . -25.10 -6.27 -17.59
O2' ATP D . -26.50 -6.04 -17.74
C1' ATP D . -24.24 -5.21 -18.26
N9 ATP D . -24.12 -5.54 -19.68
C8 ATP D . -23.62 -6.71 -20.15
N7 ATP D . -23.66 -6.72 -21.50
C5 ATP D . -24.21 -5.55 -21.89
C6 ATP D . -24.54 -4.93 -23.17
N6 ATP D . -24.29 -5.58 -24.33
N1 ATP D . -25.11 -3.70 -23.14
C2 ATP D . -25.37 -3.05 -21.99
N3 ATP D . -25.09 -3.56 -20.79
C4 ATP D . -24.52 -4.79 -20.68
CA CA E . -15.94 -5.83 -12.47
PG ATP F . 15.32 8.59 16.82
O1G ATP F . 14.81 8.39 18.21
O2G ATP F . 15.96 7.38 16.13
O3G ATP F . 14.40 9.41 15.93
PB ATP F . 17.98 9.67 16.36
O1B ATP F . 18.09 8.94 15.05
O2B ATP F . 18.32 11.16 16.35
O3B ATP F . 16.58 9.56 17.11
PA ATP F . 20.38 8.28 17.16
O1A ATP F . 20.26 6.79 16.90
O2A ATP F . 21.24 9.07 16.19
O3A ATP F . 18.94 8.91 17.43
O5' ATP F . 21.04 8.38 18.63
C5' ATP F . 21.00 9.60 19.39
C4' ATP F . 20.92 9.28 20.89
O4' ATP F . 21.92 8.31 21.24
C3' ATP F . 21.16 10.50 21.78
O3' ATP F . 20.20 10.51 22.83
C2' ATP F . 22.53 10.27 22.36
O2' ATP F . 22.68 10.90 23.66
C1' ATP F . 22.59 8.75 22.42
N9 ATP F . 23.96 8.23 22.43
C8 ATP F . 24.95 8.48 21.54
N7 ATP F . 26.08 7.82 21.89
C5 ATP F . 25.82 7.15 23.03
C6 ATP F . 26.58 6.28 23.94
N6 ATP F . 27.87 5.96 23.70
N1 ATP F . 25.93 5.82 25.03
C2 ATP F . 24.65 6.11 25.28
N3 ATP F . 23.89 6.90 24.49
C4 ATP F . 24.43 7.44 23.37
CA CA G . 16.95 7.10 14.08
#